data_2RGR
#
_entry.id   2RGR
#
_cell.length_a   85.435
_cell.length_b   126.801
_cell.length_c   223.492
_cell.angle_alpha   90.00
_cell.angle_beta   90.00
_cell.angle_gamma   90.00
#
_symmetry.space_group_name_H-M   'I 2 2 2'
#
loop_
_entity.id
_entity.type
_entity.pdbx_description
1 polymer DNA
2 polymer DNA
3 polymer 'DNA topoisomerase 2'
4 non-polymer 'MAGNESIUM ION'
5 water water
#
loop_
_entity_poly.entity_id
_entity_poly.type
_entity_poly.pdbx_seq_one_letter_code
_entity_poly.pdbx_strand_id
1 'polydeoxyribonucleotide' (DC)(DC)(DG)(DA)(DG)(DG)(DA)(DT)(DG)(DA)(DC)(DG)(DA)(DT)(DG) C
2 'polydeoxyribonucleotide' (DC)(DG)(DC)(DG)(DC)(DA)(DT)(DC)(DG)(DT)(DC)(DA)(DT)(DC)(DC)(DT)(DC)(DG)(DG) D
3 'polypeptide(L)'
;RKSRITNYPKLEDANKAGTKEGYKCTLVLTEGDSALSLAVAGLAVVGRDYYGCYPLRGKMLNVREASADQILKNAEIQAI
KKIMGLQHRKKYEDTKSLRYGHLMIMTDQDHDGSHIKGLIINFLESSFLGLLDIQGFLLEFITPIIKVSITKPTKNTIAF
YNMPDYEKWREEESHKFTWKQKYYKGLGTSLAQEVREYFSNLDRHLKIFHSLQGNDKDYIDLAFSKKKADDRKEWLRQYE
PGTVLDPTLKEIPISDFINKELILFSLADNIRSIPNVLDGFKPGQRKVLYGCFKKNLKSELKVAQLAPYVSECTAYHHGE
QSLAQTIIGLAQNFVGSNNIYLLLPNGAFGTRATGGKDAAAARYIYTELNKLTRKIFHPADDPLYKYIQEDEKTVEPEWY
LPILPMILVNGAEGIGTGWSTYIPPFNPLEIIKNIRHLMNDEELEQMHPWFRGWTGTIEEIEPLRYRMYGRIEQIGDNVL
EITELPARTWTSTIKEYLLLGLSGNDKIKPWIKDMEEQHDDNIKFIITLSPEEMAKTRKIGFYERFKLISPISLMNMVAF
DPHGKIKKYNSVNEILSEFYYVRLEYYQKRKDHMSERLQWEVEKYSFQVKFIKMIIEKELTVTNKPRNAIIQELENLGFP
RFNKEGKPYYGSPNDEIAEQINDVKGATSDEEDEESSHEDTENVINGPEELYGTYEYLLGMRIWSLTKERYQKLLKQKQE
KETELENLLKLSAKDIWNTDLKAFEVGYQEFLQRDAEAR
;
A
#
# COMPACT_ATOMS: atom_id res chain seq x y z
N ARG C 1 -8.62 -52.81 8.49
CA ARG C 1 -8.83 -52.30 7.15
C ARG C 1 -8.91 -50.78 7.15
N LYS C 2 -7.75 -50.13 7.15
CA LYS C 2 -7.68 -48.67 7.07
C LYS C 2 -6.46 -48.24 6.26
N SER C 3 -6.68 -47.31 5.34
CA SER C 3 -5.57 -46.73 4.60
C SER C 3 -4.84 -45.74 5.49
N ARG C 4 -3.53 -45.87 5.59
CA ARG C 4 -2.73 -44.95 6.41
C ARG C 4 -1.85 -44.12 5.50
N ILE C 5 -1.91 -42.79 5.64
CA ILE C 5 -1.12 -41.95 4.78
C ILE C 5 0.19 -41.65 5.50
N THR C 6 1.33 -41.72 4.80
CA THR C 6 2.63 -41.82 5.49
C THR C 6 3.77 -40.94 4.97
N ASN C 7 3.49 -40.08 4.00
CA ASN C 7 4.50 -39.20 3.45
C ASN C 7 4.20 -37.76 3.85
N TYR C 8 3.25 -37.61 4.76
CA TYR C 8 2.85 -36.29 5.21
C TYR C 8 2.81 -36.26 6.72
N PRO C 9 3.95 -35.87 7.32
CA PRO C 9 4.17 -35.83 8.77
C PRO C 9 3.24 -34.85 9.48
N LYS C 10 2.99 -33.69 8.88
CA LYS C 10 2.18 -32.66 9.52
C LYS C 10 0.69 -33.00 9.70
N LEU C 11 0.23 -34.06 9.04
CA LEU C 11 -1.17 -34.44 9.13
C LEU C 11 -1.48 -35.13 10.44
N GLU C 12 -2.35 -34.49 11.23
CA GLU C 12 -2.99 -35.16 12.34
C GLU C 12 -4.20 -35.87 11.73
N ASP C 13 -4.14 -37.20 11.65
CA ASP C 13 -5.14 -37.97 10.89
C ASP C 13 -6.33 -38.43 11.72
N ALA C 14 -7.54 -38.26 11.19
CA ALA C 14 -8.74 -38.72 11.88
C ALA C 14 -8.67 -40.22 12.07
N ASN C 15 -8.82 -40.66 13.34
CA ASN C 15 -8.78 -42.08 13.65
C ASN C 15 -9.57 -42.96 12.68
N LYS C 16 -10.73 -42.49 12.20
CA LYS C 16 -11.62 -43.27 11.34
C LYS C 16 -11.43 -43.01 9.85
N ALA C 17 -10.60 -42.04 9.50
CA ALA C 17 -10.36 -41.73 8.09
C ALA C 17 -9.76 -42.94 7.39
N GLY C 18 -10.05 -43.09 6.09
CA GLY C 18 -9.52 -44.21 5.34
C GLY C 18 -10.14 -45.54 5.70
N THR C 19 -11.18 -45.50 6.53
CA THR C 19 -11.90 -46.71 6.90
C THR C 19 -13.28 -46.55 6.32
N LYS C 20 -14.13 -47.56 6.54
CA LYS C 20 -15.49 -47.55 6.03
C LYS C 20 -16.30 -46.40 6.63
N GLU C 21 -15.65 -45.60 7.43
CA GLU C 21 -16.32 -44.48 8.08
C GLU C 21 -15.75 -43.13 7.68
N GLY C 22 -14.88 -43.13 6.70
CA GLY C 22 -14.26 -41.91 6.22
C GLY C 22 -15.28 -40.86 5.80
N TYR C 23 -16.46 -41.32 5.43
CA TYR C 23 -17.50 -40.43 4.95
C TYR C 23 -18.11 -39.56 6.05
N LYS C 24 -17.91 -39.97 7.31
CA LYS C 24 -18.35 -39.19 8.46
C LYS C 24 -17.22 -38.33 8.98
N CYS C 25 -16.05 -38.43 8.34
CA CYS C 25 -14.87 -37.73 8.81
C CYS C 25 -14.66 -36.38 8.10
N THR C 26 -14.53 -35.31 8.89
CA THR C 26 -14.21 -34.00 8.36
C THR C 26 -12.71 -33.74 8.41
N LEU C 27 -12.18 -33.09 7.38
CA LEU C 27 -10.78 -32.67 7.38
C LEU C 27 -10.66 -31.17 7.53
N VAL C 28 -9.95 -30.74 8.56
CA VAL C 28 -9.79 -29.32 8.83
C VAL C 28 -8.50 -28.74 8.21
N LEU C 29 -8.65 -27.87 7.24
CA LEU C 29 -7.51 -27.23 6.60
C LEU C 29 -7.25 -25.85 7.18
N THR C 30 -6.04 -25.61 7.68
CA THR C 30 -5.71 -24.30 8.25
C THR C 30 -4.79 -23.48 7.35
N GLU C 31 -4.91 -22.16 7.50
CA GLU C 31 -4.01 -21.22 6.86
C GLU C 31 -2.70 -21.29 7.63
N GLY C 32 -1.76 -22.09 7.14
CA GLY C 32 -0.42 -22.14 7.70
C GLY C 32 -0.22 -23.01 8.92
N ASP C 33 1.04 -23.34 9.20
CA ASP C 33 1.40 -24.27 10.26
C ASP C 33 1.12 -23.70 11.64
N SER C 34 1.11 -22.39 11.75
CA SER C 34 0.96 -21.76 13.05
C SER C 34 -0.47 -21.98 13.56
N ALA C 35 -1.42 -21.89 12.62
CA ALA C 35 -2.84 -22.04 12.89
C ALA C 35 -3.17 -23.51 13.08
N LEU C 36 -2.30 -24.37 12.57
CA LEU C 36 -2.48 -25.81 12.68
C LEU C 36 -2.60 -26.23 14.15
N SER C 37 -2.07 -25.41 15.04
CA SER C 37 -2.12 -25.67 16.47
C SER C 37 -3.54 -25.49 16.99
N LEU C 38 -4.27 -24.57 16.36
CA LEU C 38 -5.62 -24.26 16.81
C LEU C 38 -6.55 -25.41 16.48
N ALA C 39 -6.34 -25.99 15.29
CA ALA C 39 -7.15 -27.10 14.84
C ALA C 39 -6.91 -28.30 15.74
N VAL C 40 -5.64 -28.58 16.03
CA VAL C 40 -5.29 -29.70 16.88
C VAL C 40 -5.85 -29.50 18.26
N ALA C 41 -5.83 -28.26 18.73
CA ALA C 41 -6.47 -27.91 19.98
C ALA C 41 -7.96 -28.27 19.92
N GLY C 42 -8.56 -28.04 18.75
CA GLY C 42 -9.96 -28.35 18.54
C GLY C 42 -10.18 -29.85 18.50
N LEU C 43 -9.25 -30.59 17.92
CA LEU C 43 -9.39 -32.03 17.81
C LEU C 43 -9.50 -32.65 19.17
N ALA C 44 -9.03 -31.94 20.20
CA ALA C 44 -9.19 -32.40 21.57
C ALA C 44 -10.66 -32.36 22.00
N VAL C 45 -11.37 -31.31 21.60
CA VAL C 45 -12.74 -31.08 22.00
C VAL C 45 -13.73 -31.94 21.22
N VAL C 46 -13.60 -31.95 19.90
CA VAL C 46 -14.55 -32.64 19.04
C VAL C 46 -14.26 -34.14 18.93
N GLY C 47 -13.00 -34.51 19.08
CA GLY C 47 -12.59 -35.90 18.95
C GLY C 47 -11.69 -36.23 17.77
N ARG C 48 -10.64 -36.99 18.04
CA ARG C 48 -9.70 -37.41 17.00
C ARG C 48 -10.32 -38.47 16.08
N ASP C 49 -11.48 -38.98 16.47
CA ASP C 49 -12.16 -40.01 15.68
C ASP C 49 -12.63 -39.54 14.31
N TYR C 50 -13.55 -38.59 14.29
CA TYR C 50 -14.12 -38.19 13.03
C TYR C 50 -13.56 -36.88 12.50
N TYR C 51 -12.43 -36.44 13.06
CA TYR C 51 -11.80 -35.17 12.66
C TYR C 51 -10.30 -35.27 12.51
N GLY C 52 -9.74 -34.51 11.58
CA GLY C 52 -8.31 -34.44 11.38
C GLY C 52 -7.95 -33.07 10.85
N CYS C 53 -6.66 -32.79 10.69
CA CYS C 53 -6.25 -31.46 10.23
C CYS C 53 -4.92 -31.42 9.48
N TYR C 54 -4.83 -30.54 8.49
CA TYR C 54 -3.63 -30.37 7.67
C TYR C 54 -3.40 -28.91 7.29
N PRO C 55 -2.14 -28.48 7.30
CA PRO C 55 -1.82 -27.07 7.07
C PRO C 55 -1.60 -26.65 5.63
N LEU C 56 -2.32 -25.60 5.21
CA LEU C 56 -2.12 -25.01 3.89
C LEU C 56 -0.96 -24.04 4.03
N ARG C 57 0.11 -24.25 3.27
CA ARG C 57 1.26 -23.34 3.35
C ARG C 57 0.87 -21.86 3.38
N GLY C 58 0.32 -21.37 2.27
CA GLY C 58 -0.18 -20.01 2.19
C GLY C 58 -0.88 -20.06 0.85
N LYS C 59 -0.98 -18.90 0.19
CA LYS C 59 -1.53 -18.86 -1.16
C LYS C 59 -1.24 -20.13 -1.93
N MET C 60 -2.30 -20.78 -2.39
CA MET C 60 -2.15 -22.07 -3.04
C MET C 60 -2.38 -21.99 -4.54
N LEU C 61 -1.85 -22.98 -5.26
CA LEU C 61 -1.87 -23.00 -6.71
C LEU C 61 -3.27 -22.96 -7.33
N ASN C 62 -3.56 -21.88 -8.02
CA ASN C 62 -4.75 -21.80 -8.86
C ASN C 62 -4.59 -22.82 -10.00
N VAL C 63 -5.46 -23.84 -10.05
CA VAL C 63 -5.31 -24.92 -11.03
C VAL C 63 -5.98 -24.69 -12.39
N ARG C 64 -6.81 -23.67 -12.51
CA ARG C 64 -7.47 -23.38 -13.80
C ARG C 64 -7.02 -22.05 -14.43
N GLU C 65 -6.36 -22.13 -15.58
CA GLU C 65 -6.04 -23.39 -16.22
C GLU C 65 -4.55 -23.61 -15.94
N ALA C 66 -4.17 -24.87 -15.75
CA ALA C 66 -2.77 -25.18 -15.41
C ALA C 66 -2.36 -26.57 -15.91
N SER C 67 -1.10 -26.67 -16.31
CA SER C 67 -0.60 -27.88 -16.97
C SER C 67 -0.51 -29.04 -16.00
N ALA C 68 -0.64 -30.24 -16.53
CA ALA C 68 -0.50 -31.45 -15.73
C ALA C 68 0.79 -31.42 -14.94
N ASP C 69 1.90 -31.18 -15.64
CA ASP C 69 3.20 -31.12 -15.01
C ASP C 69 3.20 -30.16 -13.82
N GLN C 70 2.61 -28.98 -14.01
CA GLN C 70 2.57 -27.96 -12.97
C GLN C 70 1.91 -28.46 -11.68
N ILE C 71 0.76 -29.09 -11.82
CA ILE C 71 -0.03 -29.54 -10.68
C ILE C 71 0.54 -30.83 -10.09
N LEU C 72 1.01 -31.71 -10.96
CA LEU C 72 1.69 -32.92 -10.50
C LEU C 72 2.87 -32.61 -9.59
N LYS C 73 3.68 -31.63 -9.98
CA LYS C 73 4.84 -31.22 -9.21
C LYS C 73 4.48 -30.37 -7.99
N ASN C 74 3.28 -29.83 -7.98
CA ASN C 74 2.82 -29.09 -6.80
C ASN C 74 2.47 -29.98 -5.60
N ALA C 75 3.39 -30.04 -4.64
CA ALA C 75 3.30 -31.02 -3.57
C ALA C 75 2.22 -30.72 -2.54
N GLU C 76 1.60 -29.56 -2.63
CA GLU C 76 0.57 -29.24 -1.65
C GLU C 76 -0.79 -29.74 -2.09
N ILE C 77 -1.14 -29.52 -3.35
CA ILE C 77 -2.38 -30.09 -3.86
C ILE C 77 -2.23 -31.59 -3.98
N GLN C 78 -1.00 -32.07 -4.03
CA GLN C 78 -0.76 -33.49 -4.02
C GLN C 78 -1.08 -34.02 -2.65
N ALA C 79 -0.76 -33.23 -1.64
CA ALA C 79 -1.01 -33.61 -0.25
C ALA C 79 -2.49 -33.71 0.00
N ILE C 80 -3.23 -32.65 -0.28
CA ILE C 80 -4.67 -32.69 -0.08
C ILE C 80 -5.35 -33.76 -0.92
N LYS C 81 -4.81 -34.06 -2.10
CA LYS C 81 -5.31 -35.16 -2.92
C LYS C 81 -5.16 -36.52 -2.24
N LYS C 82 -3.95 -36.82 -1.80
CA LYS C 82 -3.68 -38.14 -1.25
C LYS C 82 -4.38 -38.36 0.08
N ILE C 83 -4.47 -37.32 0.89
CA ILE C 83 -5.09 -37.47 2.21
C ILE C 83 -6.62 -37.54 2.14
N MET C 84 -7.23 -36.72 1.29
CA MET C 84 -8.66 -36.81 1.05
C MET C 84 -8.98 -38.14 0.37
N GLY C 85 -7.99 -38.58 -0.41
CA GLY C 85 -7.99 -39.78 -1.23
C GLY C 85 -8.02 -39.40 -2.70
N LEU C 86 -9.16 -38.84 -3.04
CA LEU C 86 -9.58 -38.26 -4.31
C LEU C 86 -8.83 -38.87 -5.50
N GLN C 87 -9.52 -39.71 -6.28
CA GLN C 87 -8.99 -40.13 -7.57
C GLN C 87 -9.18 -38.92 -8.51
N HIS C 88 -8.25 -38.68 -9.42
CA HIS C 88 -8.33 -37.52 -10.29
C HIS C 88 -9.40 -37.69 -11.36
N ARG C 89 -9.18 -38.64 -12.25
CA ARG C 89 -10.12 -38.94 -13.33
C ARG C 89 -11.43 -39.73 -13.44
N LYS C 90 -12.49 -39.16 -12.88
CA LYS C 90 -13.88 -39.56 -13.08
C LYS C 90 -14.87 -38.56 -12.46
N LYS C 91 -16.16 -38.85 -12.57
CA LYS C 91 -17.24 -38.01 -12.04
C LYS C 91 -17.74 -38.44 -10.65
N TYR C 92 -17.88 -37.46 -9.75
CA TYR C 92 -18.24 -37.74 -8.35
C TYR C 92 -19.74 -37.72 -8.04
N GLU C 93 -20.17 -38.73 -7.28
CA GLU C 93 -21.57 -38.87 -6.92
C GLU C 93 -21.69 -39.08 -5.41
N ASP C 94 -20.78 -39.88 -4.86
CA ASP C 94 -20.77 -40.18 -3.43
C ASP C 94 -19.51 -39.59 -2.88
N THR C 95 -19.35 -39.61 -1.57
CA THR C 95 -18.05 -39.37 -0.94
C THR C 95 -17.58 -40.67 -0.33
N LYS C 96 -18.35 -41.73 -0.55
CA LYS C 96 -18.08 -43.05 0.04
C LYS C 96 -16.72 -43.61 -0.31
N SER C 97 -16.09 -43.06 -1.34
CA SER C 97 -14.79 -43.55 -1.83
C SER C 97 -13.57 -42.95 -1.10
N LEU C 98 -13.72 -41.71 -0.63
CA LEU C 98 -12.60 -40.98 -0.02
C LEU C 98 -12.33 -41.32 1.44
N ARG C 99 -11.24 -40.76 1.96
CA ARG C 99 -10.84 -40.99 3.34
C ARG C 99 -11.59 -40.04 4.28
N TYR C 100 -11.99 -38.89 3.77
CA TYR C 100 -12.80 -37.94 4.53
C TYR C 100 -14.03 -37.62 3.71
N GLY C 101 -15.18 -37.50 4.36
CA GLY C 101 -16.43 -37.22 3.68
C GLY C 101 -16.79 -35.74 3.65
N HIS C 102 -16.10 -34.96 4.49
CA HIS C 102 -16.32 -33.53 4.56
C HIS C 102 -15.00 -32.79 4.75
N LEU C 103 -14.90 -31.60 4.15
CA LEU C 103 -13.68 -30.82 4.25
C LEU C 103 -14.08 -29.45 4.77
N MET C 104 -13.27 -28.91 5.68
CA MET C 104 -13.62 -27.68 6.38
C MET C 104 -12.44 -26.73 6.40
N ILE C 105 -12.71 -25.44 6.18
CA ILE C 105 -11.61 -24.49 6.05
C ILE C 105 -11.48 -23.50 7.21
N MET C 106 -10.34 -23.54 7.89
CA MET C 106 -9.99 -22.54 8.92
C MET C 106 -9.02 -21.51 8.37
N THR C 107 -9.58 -20.48 7.79
CA THR C 107 -8.86 -19.29 7.36
C THR C 107 -8.82 -18.35 8.56
N ASP C 108 -7.93 -17.35 8.54
CA ASP C 108 -7.93 -16.43 9.68
C ASP C 108 -8.76 -15.15 9.52
N GLN C 109 -9.85 -15.26 8.79
CA GLN C 109 -10.94 -14.29 8.92
C GLN C 109 -10.57 -12.89 8.48
N ASP C 110 -9.59 -12.78 7.61
CA ASP C 110 -9.28 -11.53 6.92
C ASP C 110 -9.51 -11.69 5.41
N HIS C 111 -9.10 -10.70 4.63
CA HIS C 111 -9.30 -10.69 3.18
C HIS C 111 -8.55 -11.80 2.46
N ASP C 112 -7.25 -11.89 2.76
CA ASP C 112 -6.46 -12.94 2.17
C ASP C 112 -6.95 -14.33 2.62
N GLY C 113 -7.63 -14.38 3.76
CA GLY C 113 -8.30 -15.60 4.15
C GLY C 113 -9.26 -16.00 3.05
N SER C 114 -10.17 -15.10 2.70
CA SER C 114 -11.18 -15.38 1.70
C SER C 114 -10.56 -15.75 0.35
N HIS C 115 -9.38 -15.21 0.08
CA HIS C 115 -8.66 -15.53 -1.14
C HIS C 115 -8.26 -17.01 -1.11
N ILE C 116 -7.99 -17.52 0.08
CA ILE C 116 -7.63 -18.92 0.28
C ILE C 116 -8.82 -19.83 0.07
N LYS C 117 -9.94 -19.47 0.68
CA LYS C 117 -11.17 -20.22 0.51
C LYS C 117 -11.51 -20.36 -0.97
N GLY C 118 -11.48 -19.22 -1.68
CA GLY C 118 -11.81 -19.20 -3.09
C GLY C 118 -10.88 -20.11 -3.84
N LEU C 119 -9.60 -19.98 -3.56
CA LEU C 119 -8.62 -20.81 -4.23
C LEU C 119 -8.93 -22.29 -4.04
N ILE C 120 -9.46 -22.64 -2.87
CA ILE C 120 -9.84 -24.01 -2.56
C ILE C 120 -11.07 -24.45 -3.33
N ILE C 121 -12.08 -23.59 -3.36
CA ILE C 121 -13.27 -23.84 -4.18
C ILE C 121 -12.88 -24.06 -5.64
N ASN C 122 -12.01 -23.19 -6.16
CA ASN C 122 -11.56 -23.31 -7.53
C ASN C 122 -10.91 -24.65 -7.74
N PHE C 123 -9.97 -24.98 -6.88
CA PHE C 123 -9.27 -26.23 -6.95
C PHE C 123 -10.22 -27.42 -6.96
N LEU C 124 -11.14 -27.46 -6.01
CA LEU C 124 -12.06 -28.57 -5.88
C LEU C 124 -13.02 -28.65 -7.06
N GLU C 125 -13.51 -27.49 -7.50
CA GLU C 125 -14.50 -27.43 -8.56
C GLU C 125 -13.89 -27.69 -9.92
N SER C 126 -12.57 -27.65 -10.00
CA SER C 126 -11.91 -27.84 -11.28
C SER C 126 -11.30 -29.23 -11.40
N SER C 127 -10.57 -29.66 -10.38
CA SER C 127 -9.87 -30.93 -10.42
C SER C 127 -10.80 -32.14 -10.29
N PHE C 128 -12.02 -31.92 -9.78
CA PHE C 128 -12.96 -33.02 -9.55
C PHE C 128 -14.40 -32.59 -9.80
N LEU C 129 -14.95 -32.97 -10.96
CA LEU C 129 -16.26 -32.47 -11.39
C LEU C 129 -17.48 -32.53 -10.46
N GLY C 130 -17.83 -33.72 -9.99
CA GLY C 130 -19.09 -33.91 -9.30
C GLY C 130 -18.97 -33.54 -7.84
N LEU C 131 -17.74 -33.33 -7.37
CA LEU C 131 -17.50 -33.14 -5.95
C LEU C 131 -18.34 -32.06 -5.28
N LEU C 132 -18.21 -30.81 -5.73
CA LEU C 132 -18.90 -29.70 -5.08
C LEU C 132 -20.41 -29.74 -5.31
N ASP C 133 -20.87 -30.78 -6.00
CA ASP C 133 -22.30 -31.04 -6.17
C ASP C 133 -22.84 -31.84 -4.98
N ILE C 134 -21.92 -32.40 -4.19
CA ILE C 134 -22.30 -33.19 -3.04
C ILE C 134 -22.59 -32.29 -1.86
N GLN C 135 -23.87 -32.12 -1.57
CA GLN C 135 -24.32 -31.18 -0.54
C GLN C 135 -23.72 -31.45 0.84
N GLY C 136 -23.14 -30.41 1.42
CA GLY C 136 -22.65 -30.46 2.79
C GLY C 136 -21.22 -30.92 2.91
N PHE C 137 -20.52 -30.94 1.79
CA PHE C 137 -19.16 -31.46 1.76
C PHE C 137 -18.10 -30.42 2.08
N LEU C 138 -18.34 -29.17 1.69
CA LEU C 138 -17.39 -28.10 1.95
C LEU C 138 -17.89 -27.23 3.07
N LEU C 139 -17.11 -27.16 4.14
CA LEU C 139 -17.48 -26.39 5.31
C LEU C 139 -16.52 -25.24 5.48
N GLU C 140 -16.82 -24.39 6.46
CA GLU C 140 -16.01 -23.22 6.73
C GLU C 140 -16.14 -22.85 8.20
N PHE C 141 -15.04 -22.95 8.95
CA PHE C 141 -15.05 -22.55 10.35
C PHE C 141 -14.75 -21.07 10.44
N ILE C 142 -15.62 -20.29 11.09
CA ILE C 142 -15.35 -18.86 11.17
C ILE C 142 -15.08 -18.38 12.59
N THR C 143 -14.27 -17.31 12.65
CA THR C 143 -13.73 -16.78 13.88
C THR C 143 -14.10 -15.30 14.02
N PRO C 144 -14.15 -14.77 15.25
CA PRO C 144 -14.46 -13.36 15.52
C PRO C 144 -13.43 -12.39 14.92
N ILE C 145 -13.85 -11.19 14.50
CA ILE C 145 -12.88 -10.18 14.07
C ILE C 145 -12.59 -9.16 15.16
N ILE C 146 -13.52 -9.02 16.11
CA ILE C 146 -13.36 -8.10 17.23
C ILE C 146 -13.96 -8.68 18.50
N LYS C 147 -13.27 -8.44 19.61
CA LYS C 147 -13.74 -8.86 20.91
C LYS C 147 -13.78 -7.63 21.82
N VAL C 148 -14.93 -7.38 22.42
CA VAL C 148 -15.11 -6.24 23.30
C VAL C 148 -15.07 -6.65 24.77
N SER C 149 -14.33 -5.87 25.57
CA SER C 149 -14.00 -6.21 26.95
C SER C 149 -14.65 -5.22 27.97
N ILE C 150 -15.86 -5.53 28.42
CA ILE C 150 -16.64 -4.67 29.33
C ILE C 150 -16.07 -4.61 30.76
N THR C 151 -15.66 -3.42 31.21
CA THR C 151 -14.81 -3.35 32.41
C THR C 151 -15.38 -2.71 33.70
N LYS C 152 -15.95 -1.51 33.61
CA LYS C 152 -16.47 -0.86 34.81
C LYS C 152 -17.91 -0.34 34.66
N PRO C 153 -18.75 -0.67 35.63
CA PRO C 153 -18.34 -1.55 36.73
C PRO C 153 -18.88 -2.97 36.55
N THR C 154 -18.64 -3.55 35.37
CA THR C 154 -19.14 -4.90 35.08
C THR C 154 -18.42 -5.56 33.90
N LYS C 155 -18.60 -6.85 33.72
CA LYS C 155 -17.79 -7.49 32.70
C LYS C 155 -18.27 -8.54 31.73
N ASN C 156 -19.57 -8.73 31.48
CA ASN C 156 -19.78 -9.76 30.45
C ASN C 156 -18.78 -9.50 29.33
N THR C 157 -18.24 -10.55 28.72
CA THR C 157 -17.30 -10.38 27.62
C THR C 157 -17.93 -10.80 26.30
N ILE C 158 -17.97 -9.89 25.33
CA ILE C 158 -18.60 -10.24 23.99
C ILE C 158 -17.66 -10.51 22.71
N ALA C 159 -18.23 -10.91 21.53
CA ALA C 159 -17.53 -11.18 20.28
C ALA C 159 -18.31 -10.74 19.04
N PHE C 160 -17.60 -10.36 17.98
CA PHE C 160 -18.22 -9.83 16.76
C PHE C 160 -17.56 -10.46 15.53
N TYR C 161 -18.37 -10.93 14.59
CA TYR C 161 -17.82 -11.61 13.41
C TYR C 161 -17.84 -10.75 12.14
N ASN C 162 -18.30 -9.52 12.25
CA ASN C 162 -18.18 -8.54 11.17
C ASN C 162 -17.86 -7.18 11.77
N MET C 163 -17.53 -6.23 10.91
CA MET C 163 -17.22 -4.87 11.34
C MET C 163 -18.56 -4.16 11.53
N PRO C 164 -19.29 -3.85 10.42
CA PRO C 164 -20.64 -3.32 10.57
C PRO C 164 -21.47 -3.98 11.69
N ASP C 165 -21.37 -5.29 11.85
CA ASP C 165 -22.02 -5.93 12.98
C ASP C 165 -21.69 -5.17 14.28
N TYR C 166 -20.39 -4.94 14.46
CA TYR C 166 -19.83 -4.30 15.66
C TYR C 166 -20.07 -2.78 15.73
N GLU C 167 -19.77 -2.07 14.63
CA GLU C 167 -19.96 -0.63 14.55
C GLU C 167 -21.35 -0.27 15.07
N LYS C 168 -22.26 -1.23 14.95
CA LYS C 168 -23.65 -1.05 15.37
C LYS C 168 -23.87 -1.11 16.89
N TRP C 169 -23.26 -2.09 17.56
CA TRP C 169 -23.26 -2.14 19.03
C TRP C 169 -22.66 -0.85 19.58
N ARG C 170 -21.78 -0.25 18.79
CA ARG C 170 -21.03 0.93 19.17
C ARG C 170 -21.81 2.25 19.30
N GLU C 171 -22.42 2.71 18.21
CA GLU C 171 -23.22 3.90 18.28
C GLU C 171 -24.61 3.43 18.72
N GLU C 172 -24.62 2.50 19.67
CA GLU C 172 -25.83 1.86 20.15
C GLU C 172 -25.77 1.81 21.66
N GLU C 173 -24.76 1.09 22.15
CA GLU C 173 -24.67 0.75 23.56
C GLU C 173 -23.27 0.91 24.12
N SER C 174 -22.30 1.19 23.25
CA SER C 174 -20.92 1.38 23.72
C SER C 174 -20.98 2.38 24.88
N HIS C 175 -21.80 3.41 24.69
CA HIS C 175 -22.01 4.44 25.68
C HIS C 175 -22.50 3.84 27.01
N LYS C 176 -23.20 2.71 26.94
CA LYS C 176 -23.87 2.16 28.12
C LYS C 176 -22.92 1.67 29.22
N PHE C 177 -21.65 1.43 28.87
CA PHE C 177 -20.68 0.86 29.83
C PHE C 177 -19.29 1.47 29.67
N THR C 178 -18.36 0.96 30.46
CA THR C 178 -16.94 1.16 30.21
C THR C 178 -16.46 -0.10 29.48
N TRP C 179 -15.54 0.08 28.52
CA TRP C 179 -15.14 -1.02 27.66
C TRP C 179 -13.87 -0.74 26.86
N LYS C 180 -13.28 -1.79 26.31
CA LYS C 180 -12.19 -1.63 25.36
C LYS C 180 -12.26 -2.78 24.38
N GLN C 181 -11.91 -2.49 23.13
CA GLN C 181 -12.05 -3.44 22.03
C GLN C 181 -10.73 -4.11 21.71
N LYS C 182 -10.78 -5.31 21.13
CA LYS C 182 -9.57 -5.98 20.66
C LYS C 182 -9.73 -6.62 19.28
N TYR C 183 -8.88 -6.19 18.34
CA TYR C 183 -8.92 -6.72 16.98
C TYR C 183 -8.25 -8.09 16.88
N TYR C 184 -8.90 -9.01 16.19
CA TYR C 184 -8.37 -10.35 15.96
C TYR C 184 -7.99 -10.42 14.50
N LYS C 185 -6.78 -9.93 14.19
CA LYS C 185 -6.41 -9.61 12.81
C LYS C 185 -5.83 -10.86 12.13
N GLY C 186 -5.84 -11.96 12.89
CA GLY C 186 -5.42 -13.24 12.38
C GLY C 186 -5.58 -14.29 13.46
N LEU C 187 -5.64 -15.55 13.05
CA LEU C 187 -5.73 -16.63 14.02
C LEU C 187 -4.52 -16.59 14.93
N GLY C 188 -4.68 -17.06 16.17
CA GLY C 188 -3.52 -17.12 17.01
C GLY C 188 -3.26 -15.85 17.79
N THR C 189 -4.12 -14.85 17.60
CA THR C 189 -4.21 -13.83 18.62
C THR C 189 -5.30 -14.29 19.60
N SER C 190 -6.05 -15.30 19.17
CA SER C 190 -7.01 -15.99 20.01
C SER C 190 -6.30 -16.79 21.07
N LEU C 191 -6.68 -16.59 22.33
CA LEU C 191 -6.17 -17.39 23.44
C LEU C 191 -6.60 -18.86 23.32
N ALA C 192 -5.89 -19.74 24.02
CA ALA C 192 -6.29 -21.14 24.07
C ALA C 192 -7.71 -21.31 24.61
N GLN C 193 -7.96 -20.82 25.83
CA GLN C 193 -9.28 -20.84 26.46
C GLN C 193 -10.36 -20.54 25.45
N GLU C 194 -10.13 -19.53 24.62
CA GLU C 194 -11.12 -19.07 23.65
C GLU C 194 -11.34 -20.08 22.57
N VAL C 195 -10.26 -20.64 22.04
CA VAL C 195 -10.37 -21.60 20.95
C VAL C 195 -11.16 -22.82 21.40
N ARG C 196 -10.96 -23.22 22.65
CA ARG C 196 -11.72 -24.35 23.19
C ARG C 196 -13.20 -24.03 23.19
N GLU C 197 -13.57 -22.81 23.59
CA GLU C 197 -14.97 -22.37 23.53
C GLU C 197 -15.56 -22.56 22.13
N TYR C 198 -14.90 -21.95 21.15
CA TYR C 198 -15.35 -22.05 19.76
C TYR C 198 -15.72 -23.47 19.43
N PHE C 199 -14.78 -24.37 19.67
CA PHE C 199 -14.96 -25.77 19.29
C PHE C 199 -16.03 -26.47 20.12
N SER C 200 -16.24 -26.02 21.35
CA SER C 200 -17.29 -26.57 22.19
C SER C 200 -18.65 -26.23 21.60
N ASN C 201 -18.64 -25.26 20.69
CA ASN C 201 -19.86 -24.80 20.03
C ASN C 201 -19.92 -25.24 18.59
N LEU C 202 -19.34 -24.44 17.70
CA LEU C 202 -19.09 -24.93 16.36
C LEU C 202 -20.30 -25.34 15.58
N ASP C 203 -21.47 -25.20 16.17
CA ASP C 203 -22.67 -25.20 15.35
C ASP C 203 -22.74 -23.73 14.94
N ARG C 204 -22.22 -22.85 15.78
CA ARG C 204 -22.24 -21.42 15.48
C ARG C 204 -20.92 -20.92 14.93
N HIS C 205 -19.98 -21.83 14.70
CA HIS C 205 -18.76 -21.47 14.00
C HIS C 205 -18.68 -22.16 12.65
N LEU C 206 -19.43 -23.25 12.51
CA LEU C 206 -19.50 -23.92 11.21
C LEU C 206 -20.55 -23.29 10.30
N LYS C 207 -20.13 -22.97 9.09
CA LYS C 207 -21.08 -22.62 8.03
C LYS C 207 -20.83 -23.53 6.84
N ILE C 208 -21.89 -23.90 6.12
CA ILE C 208 -21.80 -24.85 5.02
C ILE C 208 -21.88 -24.19 3.66
N PHE C 209 -21.10 -24.69 2.71
CA PHE C 209 -21.25 -24.23 1.34
C PHE C 209 -22.32 -25.06 0.64
N HIS C 210 -23.34 -24.37 0.15
CA HIS C 210 -24.39 -25.03 -0.59
C HIS C 210 -23.79 -25.67 -1.83
N SER C 211 -24.31 -26.83 -2.23
CA SER C 211 -23.82 -27.50 -3.44
C SER C 211 -23.90 -26.55 -4.63
N LEU C 212 -23.28 -26.94 -5.73
CA LEU C 212 -23.25 -26.10 -6.93
C LEU C 212 -24.64 -25.88 -7.53
N GLN C 213 -25.05 -24.62 -7.64
CA GLN C 213 -26.29 -24.28 -8.32
C GLN C 213 -25.98 -23.40 -9.50
N GLY C 214 -26.98 -23.18 -10.36
CA GLY C 214 -26.82 -22.41 -11.57
C GLY C 214 -26.11 -21.10 -11.34
N ASN C 215 -25.08 -20.87 -12.16
CA ASN C 215 -24.25 -19.66 -12.11
C ASN C 215 -23.13 -19.71 -11.06
N ASP C 216 -23.13 -20.75 -10.23
CA ASP C 216 -22.01 -20.98 -9.32
C ASP C 216 -20.77 -21.26 -10.15
N LYS C 217 -20.86 -22.30 -10.98
CA LYS C 217 -19.76 -22.72 -11.84
C LYS C 217 -19.21 -21.58 -12.67
N ASP C 218 -20.11 -20.70 -13.11
CA ASP C 218 -19.71 -19.58 -13.94
C ASP C 218 -18.87 -18.57 -13.19
N TYR C 219 -19.37 -18.13 -12.04
CA TYR C 219 -18.66 -17.17 -11.22
C TYR C 219 -17.25 -17.60 -10.82
N ILE C 220 -17.11 -18.86 -10.41
CA ILE C 220 -15.80 -19.40 -10.07
C ILE C 220 -14.85 -19.20 -11.25
N ASP C 221 -15.34 -19.41 -12.47
CA ASP C 221 -14.56 -19.17 -13.67
C ASP C 221 -14.38 -17.68 -13.95
N LEU C 222 -15.45 -16.93 -13.73
CA LEU C 222 -15.44 -15.51 -14.03
C LEU C 222 -14.71 -14.79 -12.90
N ALA C 223 -13.82 -15.52 -12.22
CA ALA C 223 -13.00 -15.01 -11.11
C ALA C 223 -11.59 -15.60 -11.25
N PHE C 224 -11.46 -16.91 -11.22
CA PHE C 224 -10.14 -17.54 -11.33
C PHE C 224 -9.55 -17.92 -12.68
N SER C 225 -10.35 -17.83 -13.73
CA SER C 225 -9.90 -18.22 -15.07
C SER C 225 -8.88 -17.21 -15.62
N LYS C 226 -7.74 -17.71 -16.06
CA LYS C 226 -6.67 -16.83 -16.52
C LYS C 226 -7.10 -16.09 -17.80
N LYS C 227 -8.18 -16.55 -18.41
CA LYS C 227 -8.66 -15.95 -19.65
C LYS C 227 -9.56 -14.73 -19.44
N LYS C 228 -9.86 -14.40 -18.19
CA LYS C 228 -10.92 -13.41 -17.93
C LYS C 228 -10.51 -12.18 -17.10
N ALA C 229 -9.29 -11.68 -17.29
CA ALA C 229 -8.83 -10.51 -16.55
C ALA C 229 -9.65 -9.26 -16.85
N ASP C 230 -10.10 -9.11 -18.10
CA ASP C 230 -10.91 -7.97 -18.53
C ASP C 230 -12.28 -7.94 -17.88
N ASP C 231 -12.92 -9.12 -17.78
CA ASP C 231 -14.22 -9.22 -17.14
C ASP C 231 -14.12 -8.91 -15.66
N ARG C 232 -13.03 -9.36 -15.06
CA ARG C 232 -12.81 -9.09 -13.65
C ARG C 232 -12.73 -7.58 -13.42
N LYS C 233 -12.26 -6.86 -14.42
CA LYS C 233 -12.22 -5.40 -14.37
C LYS C 233 -13.61 -4.79 -14.23
N GLU C 234 -14.59 -5.39 -14.91
CA GLU C 234 -16.00 -4.96 -14.87
C GLU C 234 -16.75 -5.51 -13.66
N TRP C 235 -16.50 -6.77 -13.34
CA TRP C 235 -17.02 -7.41 -12.15
C TRP C 235 -16.71 -6.54 -10.93
N LEU C 236 -15.57 -5.85 -10.95
CA LEU C 236 -15.18 -4.97 -9.86
C LEU C 236 -15.82 -3.59 -9.97
N ARG C 237 -15.90 -3.07 -11.20
CA ARG C 237 -16.69 -1.88 -11.47
C ARG C 237 -18.09 -2.05 -10.89
N GLN C 238 -18.72 -3.18 -11.21
CA GLN C 238 -20.10 -3.41 -10.83
C GLN C 238 -20.30 -3.46 -9.32
N TYR C 239 -19.34 -4.01 -8.57
CA TYR C 239 -19.57 -4.18 -7.14
C TYR C 239 -20.11 -2.90 -6.53
N GLU C 240 -21.17 -3.05 -5.75
CA GLU C 240 -21.81 -1.93 -5.10
C GLU C 240 -21.49 -1.93 -3.63
N PRO C 241 -20.82 -0.87 -3.16
CA PRO C 241 -20.36 -0.72 -1.80
C PRO C 241 -21.40 -1.13 -0.78
N GLY C 242 -20.94 -1.73 0.31
CA GLY C 242 -21.82 -2.13 1.41
C GLY C 242 -22.43 -3.50 1.21
N THR C 243 -22.15 -4.10 0.07
CA THR C 243 -22.71 -5.39 -0.25
C THR C 243 -21.85 -6.48 0.33
N VAL C 244 -22.16 -6.84 1.56
CA VAL C 244 -21.45 -7.90 2.20
C VAL C 244 -22.41 -9.03 2.43
N LEU C 245 -21.92 -10.05 3.10
CA LEU C 245 -22.62 -11.29 3.25
C LEU C 245 -23.23 -11.31 4.64
N ASP C 246 -24.35 -12.01 4.77
CA ASP C 246 -25.04 -12.12 6.05
C ASP C 246 -24.17 -12.81 7.09
N PRO C 247 -24.29 -12.19 8.28
CA PRO C 247 -23.70 -12.61 9.53
C PRO C 247 -24.35 -13.90 9.95
N THR C 248 -25.69 -14.03 9.99
CA THR C 248 -26.02 -15.41 10.35
C THR C 248 -26.89 -16.07 9.28
N LEU C 249 -26.26 -16.94 8.49
CA LEU C 249 -26.97 -17.64 7.42
C LEU C 249 -26.84 -19.17 7.44
N LYS C 250 -25.64 -19.64 7.74
CA LYS C 250 -25.38 -21.08 7.79
C LYS C 250 -25.25 -21.81 6.46
N GLU C 251 -25.54 -21.11 5.38
CA GLU C 251 -25.51 -21.70 4.04
C GLU C 251 -24.93 -20.55 3.30
N ILE C 252 -24.05 -20.78 2.34
CA ILE C 252 -23.44 -19.61 1.81
C ILE C 252 -23.40 -20.12 0.41
N PRO C 253 -24.24 -19.58 -0.44
CA PRO C 253 -24.18 -19.98 -1.84
C PRO C 253 -22.86 -19.44 -2.33
N ILE C 254 -22.10 -20.23 -3.05
CA ILE C 254 -20.87 -19.73 -3.66
C ILE C 254 -21.10 -18.38 -4.27
N SER C 255 -22.04 -18.36 -5.19
CA SER C 255 -22.27 -17.22 -6.04
C SER C 255 -22.31 -15.87 -5.37
N ASP C 256 -22.46 -15.82 -4.06
CA ASP C 256 -22.14 -14.58 -3.36
C ASP C 256 -21.19 -14.78 -2.18
N PHE C 257 -20.49 -15.91 -2.21
CA PHE C 257 -19.19 -15.96 -1.58
C PHE C 257 -18.36 -15.10 -2.51
N ILE C 258 -18.29 -15.54 -3.76
CA ILE C 258 -17.56 -14.82 -4.82
C ILE C 258 -17.97 -13.36 -4.92
N ASN C 259 -19.27 -13.11 -5.05
CA ASN C 259 -19.76 -11.75 -5.23
C ASN C 259 -20.02 -10.96 -3.96
N LYS C 260 -19.67 -11.50 -2.80
CA LYS C 260 -19.84 -10.76 -1.55
C LYS C 260 -18.66 -10.92 -0.56
N GLU C 261 -17.75 -11.85 -0.84
CA GLU C 261 -16.60 -12.06 0.01
C GLU C 261 -15.25 -12.14 -0.68
N LEU C 262 -15.25 -12.48 -1.96
CA LEU C 262 -14.00 -12.56 -2.71
C LEU C 262 -13.74 -11.15 -3.24
N ILE C 263 -14.75 -10.51 -3.81
CA ILE C 263 -14.57 -9.15 -4.34
C ILE C 263 -14.04 -8.22 -3.27
N LEU C 264 -14.19 -8.60 -2.01
CA LEU C 264 -13.67 -7.77 -0.92
C LEU C 264 -12.15 -7.83 -0.87
N PHE C 265 -11.60 -9.03 -1.05
CA PHE C 265 -10.17 -9.20 -1.16
C PHE C 265 -9.68 -8.64 -2.49
N SER C 266 -10.46 -8.84 -3.54
CA SER C 266 -10.08 -8.34 -4.85
C SER C 266 -10.00 -6.83 -4.86
N LEU C 267 -10.93 -6.19 -4.19
CA LEU C 267 -10.90 -4.74 -4.04
C LEU C 267 -9.67 -4.35 -3.22
N ALA C 268 -9.37 -5.13 -2.20
CA ALA C 268 -8.21 -4.92 -1.34
C ALA C 268 -6.91 -5.16 -2.07
N ASP C 269 -6.84 -6.28 -2.78
CA ASP C 269 -5.66 -6.60 -3.58
C ASP C 269 -5.23 -5.41 -4.46
N ASN C 270 -6.19 -4.83 -5.16
CA ASN C 270 -5.91 -3.68 -6.01
C ASN C 270 -5.42 -2.44 -5.26
N ILE C 271 -5.97 -2.21 -4.07
CA ILE C 271 -5.67 -1.00 -3.31
C ILE C 271 -4.23 -0.97 -2.82
N ARG C 272 -3.70 -2.15 -2.51
CA ARG C 272 -2.34 -2.27 -2.01
C ARG C 272 -1.39 -2.50 -3.18
N SER C 273 -1.94 -2.90 -4.31
CA SER C 273 -1.09 -3.18 -5.45
C SER C 273 -0.94 -1.97 -6.40
N ILE C 274 -2.03 -1.24 -6.61
CA ILE C 274 -2.04 -0.10 -7.53
C ILE C 274 -1.97 1.24 -6.78
N PRO C 275 -1.17 2.19 -7.32
CA PRO C 275 -0.95 3.55 -6.78
C PRO C 275 -2.09 4.54 -7.07
N ASN C 276 -2.10 5.69 -6.40
CA ASN C 276 -3.03 6.75 -6.73
C ASN C 276 -2.36 7.67 -7.74
N VAL C 277 -3.11 8.09 -8.77
CA VAL C 277 -2.56 8.98 -9.80
C VAL C 277 -2.02 10.29 -9.23
N LEU C 278 -2.52 10.67 -8.06
CA LEU C 278 -2.17 11.95 -7.46
C LEU C 278 -0.78 11.99 -6.84
N ASP C 279 -0.49 11.08 -5.92
CA ASP C 279 0.82 11.10 -5.27
C ASP C 279 1.81 10.03 -5.73
N GLY C 280 1.36 9.06 -6.51
CA GLY C 280 2.23 8.00 -6.99
C GLY C 280 2.47 6.89 -5.98
N PHE C 281 1.88 7.03 -4.80
CA PHE C 281 2.07 6.07 -3.72
C PHE C 281 1.08 4.90 -3.73
N LYS C 282 1.50 3.81 -3.10
CA LYS C 282 0.60 2.77 -2.64
C LYS C 282 0.49 2.99 -1.14
N PRO C 283 -0.64 2.59 -0.54
CA PRO C 283 -0.93 2.83 0.87
C PRO C 283 0.26 2.60 1.80
N GLY C 284 1.07 1.57 1.54
CA GLY C 284 2.20 1.26 2.39
C GLY C 284 3.28 2.32 2.37
N GLN C 285 3.70 2.71 1.16
CA GLN C 285 4.63 3.83 0.99
C GLN C 285 4.06 5.11 1.59
N ARG C 286 2.82 5.44 1.27
CA ARG C 286 2.18 6.63 1.83
C ARG C 286 2.19 6.66 3.37
N LYS C 287 2.19 5.51 4.02
CA LYS C 287 2.26 5.49 5.47
C LYS C 287 3.65 5.91 5.92
N VAL C 288 4.66 5.31 5.31
CA VAL C 288 6.06 5.61 5.61
C VAL C 288 6.35 7.08 5.54
N LEU C 289 5.84 7.75 4.50
CA LEU C 289 6.10 9.17 4.33
C LEU C 289 5.45 10.00 5.43
N TYR C 290 4.18 9.73 5.68
CA TYR C 290 3.43 10.34 6.79
C TYR C 290 4.16 10.21 8.12
N GLY C 291 4.65 9.02 8.42
CA GLY C 291 5.38 8.77 9.64
C GLY C 291 6.58 9.68 9.78
N CYS C 292 7.33 9.84 8.69
CA CYS C 292 8.48 10.75 8.69
C CYS C 292 8.07 12.18 8.96
N PHE C 293 6.98 12.59 8.32
CA PHE C 293 6.47 13.92 8.49
C PHE C 293 6.02 14.10 9.93
N LYS C 294 5.44 13.05 10.50
CA LYS C 294 4.94 13.10 11.87
C LYS C 294 6.07 13.39 12.86
N LYS C 295 7.15 12.61 12.81
CA LYS C 295 8.37 12.93 13.56
C LYS C 295 9.19 13.91 12.71
N ASN C 296 10.35 14.34 13.19
CA ASN C 296 11.13 15.28 12.37
C ASN C 296 12.45 14.76 11.77
N LEU C 297 12.31 14.11 10.62
CA LEU C 297 13.44 13.45 9.97
C LEU C 297 14.43 14.40 9.28
N LYS C 298 14.81 15.46 9.99
CA LYS C 298 15.90 16.32 9.56
C LYS C 298 17.25 15.71 9.97
N SER C 299 17.20 14.76 10.91
CA SER C 299 18.40 14.03 11.35
C SER C 299 18.15 12.51 11.48
N GLU C 300 19.11 11.74 10.97
CA GLU C 300 18.94 10.33 10.64
C GLU C 300 18.72 9.34 11.79
N LEU C 301 18.08 8.22 11.47
CA LEU C 301 17.92 7.11 12.41
C LEU C 301 17.82 5.79 11.66
N LYS C 302 18.23 4.70 12.30
CA LYS C 302 18.24 3.39 11.64
C LYS C 302 16.85 3.07 11.14
N VAL C 303 16.74 2.55 9.93
CA VAL C 303 15.40 2.26 9.41
C VAL C 303 14.74 1.23 10.34
N ALA C 304 15.55 0.55 11.14
CA ALA C 304 15.02 -0.44 12.06
C ALA C 304 14.27 0.22 13.20
N GLN C 305 14.65 1.48 13.53
CA GLN C 305 13.95 2.20 14.58
C GLN C 305 12.79 2.95 13.98
N LEU C 306 12.95 3.39 12.73
CA LEU C 306 11.90 4.13 12.04
C LEU C 306 10.76 3.20 11.61
N ALA C 307 11.06 1.90 11.58
CA ALA C 307 10.06 0.91 11.18
C ALA C 307 8.93 0.81 12.20
N PRO C 308 9.29 0.42 13.43
CA PRO C 308 8.30 0.29 14.49
C PRO C 308 7.53 1.59 14.75
N TYR C 309 8.11 2.74 14.47
CA TYR C 309 7.44 4.01 14.64
C TYR C 309 6.33 4.22 13.61
N VAL C 310 6.71 4.26 12.29
CA VAL C 310 5.73 4.37 11.22
C VAL C 310 4.63 3.34 11.41
N SER C 311 5.05 2.11 11.61
CA SER C 311 4.16 0.98 11.89
C SER C 311 3.16 1.27 13.01
N GLU C 312 3.69 1.54 14.20
CA GLU C 312 2.85 1.70 15.37
C GLU C 312 1.82 2.80 15.16
N CYS C 313 2.24 3.91 14.59
CA CYS C 313 1.33 5.05 14.48
C CYS C 313 0.69 5.26 13.10
N THR C 314 0.59 4.20 12.30
CA THR C 314 -0.24 4.23 11.10
C THR C 314 -1.05 2.95 10.99
N ALA C 315 -1.14 2.20 12.08
CA ALA C 315 -1.94 0.98 12.10
C ALA C 315 -1.53 0.00 11.00
N TYR C 316 -0.24 -0.27 10.89
CA TYR C 316 0.29 -1.21 9.92
C TYR C 316 -0.03 -2.64 10.35
N HIS C 317 -0.45 -3.47 9.40
CA HIS C 317 -0.86 -4.83 9.71
C HIS C 317 0.07 -5.91 9.18
N HIS C 318 1.22 -5.50 8.66
CA HIS C 318 2.19 -6.44 8.14
C HIS C 318 3.47 -6.40 8.97
N GLY C 319 4.51 -7.13 8.55
CA GLY C 319 5.75 -7.15 9.32
C GLY C 319 6.41 -5.80 9.51
N GLU C 320 7.33 -5.71 10.47
CA GLU C 320 8.22 -4.56 10.53
C GLU C 320 9.27 -4.79 9.44
N GLN C 321 9.55 -6.06 9.16
CA GLN C 321 10.42 -6.47 8.06
C GLN C 321 9.77 -6.05 6.74
N SER C 322 8.45 -6.22 6.66
CA SER C 322 7.71 -5.77 5.49
C SER C 322 7.79 -4.26 5.42
N LEU C 323 7.55 -3.61 6.54
CA LEU C 323 7.60 -2.14 6.58
C LEU C 323 8.97 -1.64 6.15
N ALA C 324 10.02 -2.23 6.71
CA ALA C 324 11.40 -1.81 6.45
C ALA C 324 11.80 -1.88 4.98
N GLN C 325 11.50 -2.99 4.31
CA GLN C 325 11.74 -3.10 2.87
C GLN C 325 11.09 -1.98 2.06
N THR C 326 10.04 -1.37 2.59
CA THR C 326 9.30 -0.31 1.91
C THR C 326 10.07 0.98 2.06
N ILE C 327 10.56 1.20 3.26
CA ILE C 327 11.44 2.32 3.55
C ILE C 327 12.71 2.22 2.72
N ILE C 328 13.34 1.04 2.72
CA ILE C 328 14.51 0.80 1.90
C ILE C 328 14.24 1.15 0.44
N GLY C 329 13.07 0.77 -0.05
CA GLY C 329 12.71 1.02 -1.42
C GLY C 329 12.56 2.49 -1.75
N LEU C 330 12.04 3.25 -0.78
CA LEU C 330 11.85 4.68 -0.96
C LEU C 330 13.18 5.42 -1.02
N ALA C 331 14.22 4.80 -0.44
CA ALA C 331 15.52 5.43 -0.28
C ALA C 331 16.54 5.06 -1.36
N GLN C 332 16.39 3.89 -1.98
CA GLN C 332 17.37 3.43 -2.96
C GLN C 332 17.64 4.47 -4.02
N ASN C 333 18.90 4.64 -4.40
CA ASN C 333 19.26 5.66 -5.37
C ASN C 333 20.11 5.23 -6.57
N PHE C 334 20.52 3.96 -6.62
CA PHE C 334 21.32 3.53 -7.75
C PHE C 334 20.61 3.88 -9.06
N VAL C 335 21.35 3.84 -10.17
CA VAL C 335 20.75 4.12 -11.47
C VAL C 335 19.78 3.01 -11.85
N GLY C 336 18.54 3.41 -12.16
CA GLY C 336 17.47 2.48 -12.47
C GLY C 336 16.47 2.30 -11.35
N SER C 337 16.54 3.15 -10.33
CA SER C 337 15.56 3.11 -9.24
C SER C 337 14.50 4.13 -8.81
N ASN C 338 14.96 5.33 -8.45
CA ASN C 338 14.06 6.37 -7.92
C ASN C 338 14.61 7.53 -8.75
N ASN C 339 13.78 8.17 -9.54
CA ASN C 339 14.22 9.41 -10.15
C ASN C 339 14.44 10.50 -9.09
N ILE C 340 13.54 10.58 -8.15
CA ILE C 340 13.80 11.30 -6.90
C ILE C 340 13.51 10.36 -5.74
N TYR C 341 14.49 10.19 -4.85
CA TYR C 341 14.27 9.37 -3.67
C TYR C 341 13.95 10.28 -2.50
N LEU C 342 12.77 10.09 -1.93
CA LEU C 342 12.29 10.93 -0.85
C LEU C 342 13.10 10.72 0.42
N LEU C 343 13.62 9.51 0.59
CA LEU C 343 14.44 9.19 1.75
C LEU C 343 15.87 8.94 1.30
N LEU C 344 16.83 9.36 2.12
CA LEU C 344 18.25 9.25 1.79
C LEU C 344 18.79 7.87 2.15
N PRO C 345 19.57 7.24 1.26
CA PRO C 345 20.09 5.91 1.58
C PRO C 345 21.44 5.98 2.25
N ASN C 346 21.49 6.21 3.56
CA ASN C 346 22.76 6.29 4.28
C ASN C 346 23.17 4.92 4.77
N GLY C 347 24.01 4.24 3.98
CA GLY C 347 24.45 2.91 4.32
C GLY C 347 24.31 2.00 3.12
N ALA C 348 24.29 0.70 3.36
CA ALA C 348 24.16 -0.31 2.30
C ALA C 348 22.71 -0.57 1.89
N PHE C 349 22.22 0.21 0.93
CA PHE C 349 20.80 0.21 0.58
C PHE C 349 20.44 -0.60 -0.67
N GLY C 350 21.43 -1.29 -1.23
CA GLY C 350 21.23 -2.01 -2.47
C GLY C 350 21.92 -1.31 -3.63
N THR C 351 22.31 -2.08 -4.64
CA THR C 351 23.04 -1.51 -5.74
C THR C 351 22.57 -2.06 -7.06
N ARG C 352 22.86 -1.29 -8.11
CA ARG C 352 22.43 -1.55 -9.47
C ARG C 352 22.72 -2.95 -9.94
N ALA C 353 23.81 -3.52 -9.44
CA ALA C 353 24.31 -4.81 -9.92
C ALA C 353 23.31 -5.93 -9.72
N THR C 354 22.35 -5.70 -8.84
CA THR C 354 21.36 -6.72 -8.58
C THR C 354 19.97 -6.11 -8.49
N GLY C 355 19.86 -4.83 -8.79
CA GLY C 355 18.58 -4.16 -8.71
C GLY C 355 18.13 -4.02 -7.26
N GLY C 356 19.12 -3.93 -6.36
CA GLY C 356 18.89 -3.56 -4.98
C GLY C 356 18.56 -4.69 -4.04
N LYS C 357 18.72 -5.92 -4.47
CA LYS C 357 18.40 -7.02 -3.57
C LYS C 357 19.56 -7.27 -2.60
N ASP C 358 20.68 -6.62 -2.86
CA ASP C 358 21.86 -6.87 -2.05
C ASP C 358 21.85 -6.08 -0.74
N ALA C 359 20.77 -5.33 -0.49
CA ALA C 359 20.76 -4.39 0.63
C ALA C 359 21.00 -5.05 2.01
N ALA C 360 21.54 -4.27 2.94
CA ALA C 360 21.88 -4.79 4.25
C ALA C 360 20.68 -4.82 5.20
N ALA C 361 20.92 -5.29 6.42
CA ALA C 361 19.87 -5.38 7.44
C ALA C 361 19.44 -4.02 7.93
N ALA C 362 18.14 -3.84 8.12
CA ALA C 362 17.56 -2.58 8.55
C ALA C 362 18.23 -1.95 9.75
N ARG C 363 18.85 -2.78 10.59
CA ARG C 363 19.38 -2.29 11.85
C ARG C 363 20.79 -1.68 11.70
N TYR C 364 21.38 -1.83 10.51
CA TYR C 364 22.72 -1.30 10.27
C TYR C 364 22.68 -0.08 9.37
N ILE C 365 21.50 0.31 8.89
CA ILE C 365 21.41 1.37 7.89
C ILE C 365 20.50 2.53 8.33
N TYR C 366 20.77 3.72 7.82
CA TYR C 366 20.10 4.93 8.28
C TYR C 366 19.39 5.71 7.16
N THR C 367 18.25 6.30 7.48
CA THR C 367 17.57 7.27 6.60
C THR C 367 17.26 8.56 7.30
N GLU C 368 16.89 9.55 6.47
CA GLU C 368 16.32 10.81 6.90
C GLU C 368 15.54 11.30 5.70
N LEU C 369 14.80 12.39 5.86
CA LEU C 369 14.14 12.98 4.71
C LEU C 369 15.22 13.52 3.80
N ASN C 370 14.96 13.46 2.50
CA ASN C 370 15.76 14.18 1.53
C ASN C 370 15.42 15.64 1.70
N LYS C 371 16.42 16.51 1.76
CA LYS C 371 16.13 17.92 1.95
C LYS C 371 15.07 18.39 0.97
N LEU C 372 15.14 17.89 -0.25
CA LEU C 372 14.22 18.30 -1.32
C LEU C 372 12.79 17.83 -1.11
N THR C 373 12.61 16.82 -0.26
CA THR C 373 11.34 16.13 -0.15
C THR C 373 10.21 17.01 0.40
N ARG C 374 10.58 17.92 1.29
CA ARG C 374 9.65 18.85 1.88
C ARG C 374 9.45 20.06 0.96
N LYS C 375 10.13 20.04 -0.19
CA LYS C 375 9.92 21.03 -1.23
C LYS C 375 8.97 20.49 -2.29
N ILE C 376 8.75 19.18 -2.27
CA ILE C 376 7.79 18.52 -3.14
C ILE C 376 6.45 18.31 -2.41
N PHE C 377 6.52 17.77 -1.20
CA PHE C 377 5.35 17.71 -0.33
C PHE C 377 5.37 18.88 0.64
N HIS C 378 4.79 20.00 0.20
CA HIS C 378 4.73 21.20 1.00
C HIS C 378 3.92 20.99 2.28
N PRO C 379 4.52 21.38 3.41
CA PRO C 379 3.88 21.26 4.72
C PRO C 379 2.59 22.05 4.80
N ALA C 380 2.55 23.23 4.17
CA ALA C 380 1.34 24.04 4.14
C ALA C 380 0.11 23.28 3.61
N ASP C 381 0.35 22.18 2.90
CA ASP C 381 -0.72 21.39 2.29
C ASP C 381 -1.30 20.37 3.25
N ASP C 382 -0.49 19.99 4.24
CA ASP C 382 -0.84 19.00 5.25
C ASP C 382 -2.20 19.21 5.93
N PRO C 383 -2.53 20.48 6.28
CA PRO C 383 -3.80 20.78 6.95
C PRO C 383 -5.01 20.48 6.06
N LEU C 384 -4.80 20.30 4.77
CA LEU C 384 -5.90 20.20 3.82
C LEU C 384 -6.42 18.79 3.59
N TYR C 385 -5.61 17.78 3.85
CA TYR C 385 -5.93 16.41 3.45
C TYR C 385 -6.97 15.72 4.31
N LYS C 386 -7.60 14.68 3.78
CA LYS C 386 -8.51 13.85 4.55
C LYS C 386 -7.74 12.68 5.12
N TYR C 387 -7.53 12.69 6.43
CA TYR C 387 -6.76 11.65 7.09
C TYR C 387 -7.61 10.46 7.44
N ILE C 388 -7.33 9.35 6.77
CA ILE C 388 -8.05 8.12 6.91
C ILE C 388 -8.21 7.69 8.38
N GLN C 389 -9.36 7.10 8.67
CA GLN C 389 -9.58 6.43 9.94
C GLN C 389 -9.33 4.96 9.69
N GLU C 390 -8.49 4.33 10.51
CA GLU C 390 -8.32 2.89 10.42
C GLU C 390 -8.10 2.26 11.79
N ASP C 391 -8.84 1.18 12.04
CA ASP C 391 -8.89 0.54 13.36
C ASP C 391 -9.07 1.54 14.48
N GLU C 392 -9.92 2.53 14.21
CA GLU C 392 -10.36 3.53 15.17
C GLU C 392 -9.26 4.47 15.61
N LYS C 393 -8.20 4.51 14.81
CA LYS C 393 -7.13 5.48 14.93
C LYS C 393 -7.19 6.33 13.67
N THR C 394 -6.69 7.57 13.71
CA THR C 394 -6.56 8.33 12.48
C THR C 394 -5.11 8.12 12.04
N VAL C 395 -4.88 8.24 10.74
CA VAL C 395 -3.60 7.87 10.18
C VAL C 395 -3.34 8.67 8.91
N GLU C 396 -2.49 8.16 8.02
CA GLU C 396 -2.13 8.88 6.79
C GLU C 396 -3.34 9.32 5.96
N PRO C 397 -3.10 10.17 4.93
CA PRO C 397 -4.18 10.66 4.07
C PRO C 397 -4.58 9.65 3.00
N GLU C 398 -5.76 9.85 2.41
CA GLU C 398 -6.14 9.16 1.18
C GLU C 398 -5.03 9.28 0.14
N TRP C 399 -4.53 10.51 0.01
CA TRP C 399 -3.43 10.80 -0.90
C TRP C 399 -2.75 12.11 -0.53
N TYR C 400 -1.53 12.27 -1.00
CA TYR C 400 -0.84 13.54 -0.89
C TYR C 400 -0.91 14.24 -2.23
N LEU C 401 -0.52 15.50 -2.26
CA LEU C 401 -0.69 16.33 -3.45
C LEU C 401 0.58 17.12 -3.73
N PRO C 402 1.62 16.45 -4.25
CA PRO C 402 2.89 17.13 -4.48
C PRO C 402 2.73 18.22 -5.55
N ILE C 403 3.70 19.11 -5.64
CA ILE C 403 3.62 20.24 -6.56
C ILE C 403 3.87 19.85 -8.02
N LEU C 404 4.22 18.59 -8.25
CA LEU C 404 4.33 17.99 -9.59
C LEU C 404 3.86 16.55 -9.42
N PRO C 405 3.43 15.91 -10.52
CA PRO C 405 2.92 14.54 -10.42
C PRO C 405 4.07 13.54 -10.17
N MET C 406 4.33 13.25 -8.89
CA MET C 406 5.36 12.31 -8.50
C MET C 406 5.21 10.97 -9.20
N ILE C 407 3.98 10.61 -9.57
CA ILE C 407 3.77 9.32 -10.22
C ILE C 407 4.38 9.38 -11.59
N LEU C 408 4.43 10.58 -12.15
CA LEU C 408 5.07 10.77 -13.43
C LEU C 408 6.58 10.81 -13.25
N VAL C 409 7.04 11.43 -12.17
CA VAL C 409 8.47 11.41 -11.83
C VAL C 409 8.98 9.97 -11.63
N ASN C 410 8.53 9.32 -10.57
CA ASN C 410 9.08 8.03 -10.18
C ASN C 410 8.51 6.81 -10.90
N GLY C 411 7.27 6.92 -11.38
CA GLY C 411 6.59 5.82 -12.02
C GLY C 411 6.08 4.84 -10.99
N ALA C 412 5.62 3.67 -11.44
CA ALA C 412 5.08 2.64 -10.56
C ALA C 412 4.85 1.36 -11.32
N GLU C 413 4.92 0.24 -10.62
CA GLU C 413 4.53 -1.05 -11.19
C GLU C 413 3.66 -1.74 -10.17
N GLY C 414 2.81 -2.65 -10.63
CA GLY C 414 1.95 -3.37 -9.72
C GLY C 414 1.15 -4.44 -10.43
N ILE C 415 0.81 -5.50 -9.69
CA ILE C 415 -0.04 -6.55 -10.22
C ILE C 415 -1.19 -6.79 -9.24
N GLY C 416 -2.41 -6.44 -9.64
CA GLY C 416 -3.57 -6.66 -8.80
C GLY C 416 -4.45 -7.75 -9.36
N THR C 417 -5.72 -7.75 -8.98
CA THR C 417 -6.66 -8.67 -9.60
C THR C 417 -7.53 -7.92 -10.62
N GLY C 418 -7.63 -8.46 -11.83
CA GLY C 418 -8.29 -7.75 -12.90
C GLY C 418 -7.39 -6.72 -13.53
N TRP C 419 -6.76 -5.89 -12.69
CA TRP C 419 -5.97 -4.78 -13.18
C TRP C 419 -4.47 -4.95 -12.95
N SER C 420 -3.68 -4.21 -13.73
CA SER C 420 -2.23 -4.29 -13.69
C SER C 420 -1.72 -2.87 -13.92
N THR C 421 -0.46 -2.59 -13.64
CA THR C 421 0.05 -1.25 -13.92
C THR C 421 1.52 -1.15 -14.25
N TYR C 422 1.83 -0.25 -15.17
CA TYR C 422 3.20 0.11 -15.45
C TYR C 422 3.28 1.52 -15.98
N ILE C 423 4.04 2.34 -15.30
CA ILE C 423 4.32 3.69 -15.75
C ILE C 423 5.80 3.89 -15.53
N PRO C 424 6.55 4.19 -16.61
CA PRO C 424 7.98 4.42 -16.50
C PRO C 424 8.22 5.77 -15.88
N PRO C 425 9.43 6.03 -15.36
CA PRO C 425 9.73 7.34 -14.79
C PRO C 425 9.93 8.39 -15.89
N PHE C 426 9.62 9.64 -15.57
CA PHE C 426 9.83 10.72 -16.52
C PHE C 426 10.69 11.79 -15.88
N ASN C 427 10.87 12.88 -16.60
CA ASN C 427 11.80 13.93 -16.21
C ASN C 427 11.14 15.11 -15.49
N PRO C 428 11.47 15.29 -14.20
CA PRO C 428 10.90 16.40 -13.44
C PRO C 428 10.94 17.69 -14.23
N LEU C 429 12.00 17.90 -15.00
CA LEU C 429 12.11 19.14 -15.78
C LEU C 429 11.03 19.28 -16.85
N GLU C 430 10.91 18.31 -17.75
CA GLU C 430 9.89 18.36 -18.78
C GLU C 430 8.52 18.49 -18.14
N ILE C 431 8.31 17.78 -17.02
CA ILE C 431 7.03 17.79 -16.32
C ILE C 431 6.61 19.21 -15.92
N ILE C 432 7.44 19.85 -15.10
CA ILE C 432 7.28 21.27 -14.79
C ILE C 432 6.99 22.11 -16.04
N LYS C 433 7.67 21.79 -17.13
CA LYS C 433 7.45 22.51 -18.39
C LYS C 433 6.00 22.41 -18.86
N ASN C 434 5.43 21.21 -18.80
CA ASN C 434 4.03 21.04 -19.20
C ASN C 434 3.07 21.68 -18.22
N ILE C 435 3.43 21.67 -16.94
CA ILE C 435 2.61 22.33 -15.94
C ILE C 435 2.51 23.80 -16.31
N ARG C 436 3.64 24.39 -16.67
CA ARG C 436 3.64 25.77 -17.14
C ARG C 436 2.77 25.90 -18.39
N HIS C 437 2.83 24.90 -19.27
CA HIS C 437 2.01 24.93 -20.47
C HIS C 437 0.53 24.97 -20.11
N LEU C 438 0.13 24.16 -19.14
CA LEU C 438 -1.26 24.12 -18.69
C LEU C 438 -1.67 25.39 -17.95
N MET C 439 -0.72 26.03 -17.29
CA MET C 439 -1.00 27.26 -16.55
C MET C 439 -1.25 28.42 -17.52
N ASN C 440 -0.75 28.29 -18.73
CA ASN C 440 -0.87 29.38 -19.70
C ASN C 440 -1.80 29.04 -20.85
N ASP C 441 -2.65 28.03 -20.65
CA ASP C 441 -3.60 27.65 -21.69
C ASP C 441 -2.86 27.37 -23.00
N GLU C 442 -1.71 26.70 -22.90
CA GLU C 442 -0.86 26.42 -24.05
C GLU C 442 -0.88 24.94 -24.43
N GLU C 443 -0.37 24.63 -25.62
CA GLU C 443 -0.32 23.27 -26.15
C GLU C 443 0.86 22.51 -25.56
N LEU C 444 0.56 21.32 -25.03
CA LEU C 444 1.53 20.57 -24.23
C LEU C 444 2.63 19.96 -25.06
N GLU C 445 3.82 19.90 -24.48
CA GLU C 445 4.91 19.16 -25.10
C GLU C 445 4.74 17.68 -24.81
N GLN C 446 5.31 16.83 -25.66
CA GLN C 446 5.26 15.40 -25.41
C GLN C 446 6.48 14.98 -24.59
N MET C 447 6.29 13.96 -23.78
CA MET C 447 7.34 13.51 -22.89
C MET C 447 7.70 12.08 -23.15
N HIS C 448 8.96 11.75 -22.87
CA HIS C 448 9.45 10.39 -23.05
C HIS C 448 10.01 9.91 -21.71
N PRO C 449 10.09 8.60 -21.54
CA PRO C 449 10.60 8.04 -20.29
C PRO C 449 11.99 8.64 -20.08
N TRP C 450 12.46 8.65 -18.84
CA TRP C 450 13.72 9.30 -18.54
C TRP C 450 14.23 8.81 -17.19
N PHE C 451 15.48 8.33 -17.15
CA PHE C 451 16.04 7.76 -15.93
C PHE C 451 17.23 8.59 -15.40
N ARG C 452 17.08 9.07 -14.17
CA ARG C 452 18.14 9.77 -13.44
C ARG C 452 19.46 9.03 -13.52
N GLY C 453 20.51 9.70 -14.00
CA GLY C 453 21.85 9.14 -13.97
C GLY C 453 22.12 8.10 -15.04
N TRP C 454 21.13 7.85 -15.86
CA TRP C 454 21.24 6.90 -16.95
C TRP C 454 21.79 7.62 -18.19
N THR C 455 22.53 6.92 -19.06
CA THR C 455 23.22 7.58 -20.16
C THR C 455 23.05 6.90 -21.52
N GLY C 456 21.95 6.17 -21.70
CA GLY C 456 21.64 5.56 -22.98
C GLY C 456 20.63 6.37 -23.77
N THR C 457 20.00 5.74 -24.76
CA THR C 457 19.05 6.45 -25.62
C THR C 457 17.67 5.80 -25.66
N ILE C 458 16.63 6.63 -25.68
CA ILE C 458 15.25 6.19 -25.68
C ILE C 458 14.50 6.75 -26.87
N GLU C 459 14.06 5.89 -27.78
CA GLU C 459 13.34 6.37 -28.95
C GLU C 459 11.90 5.88 -28.99
N GLU C 460 11.04 6.68 -29.62
CA GLU C 460 9.64 6.33 -29.78
C GLU C 460 9.55 5.60 -31.11
N ILE C 461 8.80 4.50 -31.12
CA ILE C 461 8.45 3.84 -32.36
C ILE C 461 6.99 4.17 -32.72
N GLU C 462 6.05 3.69 -31.92
CA GLU C 462 4.66 4.11 -32.08
C GLU C 462 4.40 4.94 -30.82
N PRO C 463 3.33 5.73 -30.81
CA PRO C 463 2.97 6.39 -29.56
C PRO C 463 2.63 5.29 -28.55
N LEU C 464 3.01 5.47 -27.30
CA LEU C 464 2.83 4.44 -26.28
C LEU C 464 3.84 3.29 -26.39
N ARG C 465 4.81 3.40 -27.29
CA ARG C 465 5.82 2.36 -27.40
C ARG C 465 7.20 2.89 -27.66
N TYR C 466 8.16 2.42 -26.88
CA TYR C 466 9.52 2.93 -26.91
C TYR C 466 10.55 1.82 -26.93
N ARG C 467 11.74 2.13 -27.44
CA ARG C 467 12.87 1.23 -27.35
C ARG C 467 14.01 1.92 -26.62
N MET C 468 14.61 1.21 -25.67
CA MET C 468 15.67 1.76 -24.84
C MET C 468 16.97 1.05 -25.16
N TYR C 469 18.00 1.82 -25.50
CA TYR C 469 19.26 1.24 -25.90
C TYR C 469 20.35 1.49 -24.86
N GLY C 470 21.30 0.57 -24.79
CA GLY C 470 22.52 0.79 -24.03
C GLY C 470 23.55 1.41 -24.95
N ARG C 471 24.82 1.21 -24.63
CA ARG C 471 25.91 1.68 -25.49
C ARG C 471 26.88 0.54 -25.74
N ILE C 472 27.07 0.21 -27.01
CA ILE C 472 28.13 -0.72 -27.38
C ILE C 472 29.03 -0.04 -28.41
N GLU C 473 30.33 -0.29 -28.28
CA GLU C 473 31.34 0.42 -29.03
C GLU C 473 32.41 -0.56 -29.49
N GLN C 474 33.02 -0.32 -30.64
CA GLN C 474 34.18 -1.10 -31.00
C GLN C 474 35.42 -0.26 -30.64
N ILE C 475 36.38 -0.89 -29.99
CA ILE C 475 37.52 -0.19 -29.39
C ILE C 475 38.86 -0.82 -29.77
N GLY C 476 38.87 -1.56 -30.87
CA GLY C 476 40.07 -2.23 -31.33
C GLY C 476 39.70 -3.35 -32.28
N ASP C 477 40.71 -4.06 -32.77
CA ASP C 477 40.48 -5.18 -33.67
C ASP C 477 39.67 -6.29 -32.99
N ASN C 478 38.41 -6.42 -33.41
CA ASN C 478 37.51 -7.40 -32.80
C ASN C 478 37.40 -7.26 -31.29
N VAL C 479 37.34 -6.03 -30.82
CA VAL C 479 37.15 -5.76 -29.40
C VAL C 479 36.01 -4.77 -29.20
N LEU C 480 35.03 -5.19 -28.40
CA LEU C 480 33.86 -4.37 -28.13
C LEU C 480 33.83 -3.96 -26.66
N GLU C 481 33.20 -2.84 -26.39
CA GLU C 481 33.15 -2.30 -25.05
C GLU C 481 31.76 -1.79 -24.77
N ILE C 482 31.07 -2.47 -23.86
CA ILE C 482 29.75 -2.07 -23.42
C ILE C 482 29.89 -1.06 -22.29
N THR C 483 29.19 0.06 -22.42
CA THR C 483 29.30 1.15 -21.44
C THR C 483 27.93 1.56 -20.91
N GLU C 484 26.88 0.95 -21.45
CA GLU C 484 25.50 1.21 -20.99
C GLU C 484 24.47 0.13 -21.37
N LEU C 485 23.80 -0.42 -20.35
CA LEU C 485 22.73 -1.38 -20.55
C LEU C 485 21.42 -0.62 -20.40
N PRO C 486 20.34 -1.10 -21.04
CA PRO C 486 19.09 -0.37 -20.83
C PRO C 486 18.78 -0.27 -19.34
N ALA C 487 18.00 0.75 -18.96
CA ALA C 487 17.69 0.93 -17.55
C ALA C 487 16.92 -0.29 -17.06
N ARG C 488 17.03 -0.56 -15.76
CA ARG C 488 16.37 -1.72 -15.19
C ARG C 488 16.90 -3.04 -15.75
N THR C 489 17.93 -2.98 -16.59
CA THR C 489 18.73 -4.16 -16.85
C THR C 489 19.92 -4.14 -15.89
N TRP C 490 19.99 -5.14 -15.03
CA TRP C 490 21.00 -5.16 -13.98
C TRP C 490 22.32 -5.71 -14.51
N THR C 491 23.40 -5.34 -13.87
CA THR C 491 24.70 -5.76 -14.34
C THR C 491 24.79 -7.29 -14.36
N SER C 492 24.33 -7.93 -13.29
CA SER C 492 24.53 -9.36 -13.14
C SER C 492 23.74 -10.18 -14.15
N THR C 493 22.68 -9.59 -14.72
CA THR C 493 21.92 -10.27 -15.76
C THR C 493 22.82 -10.33 -16.98
N ILE C 494 23.41 -9.19 -17.33
CA ILE C 494 24.32 -9.13 -18.45
C ILE C 494 25.58 -9.94 -18.17
N LYS C 495 25.98 -10.04 -16.90
CA LYS C 495 27.15 -10.84 -16.61
C LYS C 495 26.96 -12.35 -16.82
N GLU C 496 25.89 -12.92 -16.26
CA GLU C 496 25.61 -14.34 -16.45
C GLU C 496 25.68 -14.66 -17.92
N TYR C 497 25.17 -13.73 -18.72
CA TYR C 497 25.08 -13.91 -20.16
C TYR C 497 26.45 -13.95 -20.84
N LEU C 498 27.29 -12.95 -20.56
CA LEU C 498 28.62 -12.93 -21.13
C LEU C 498 29.40 -14.17 -20.71
N LEU C 499 29.28 -14.54 -19.43
CA LEU C 499 30.01 -15.70 -18.91
C LEU C 499 29.61 -16.98 -19.63
N LEU C 500 28.34 -17.06 -19.99
CA LEU C 500 27.83 -18.20 -20.73
C LEU C 500 28.39 -18.19 -22.14
N GLY C 501 28.38 -17.02 -22.78
CA GLY C 501 28.92 -16.89 -24.12
C GLY C 501 30.39 -17.28 -24.10
N LEU C 502 30.97 -17.27 -22.91
CA LEU C 502 32.40 -17.47 -22.75
C LEU C 502 32.74 -18.95 -22.70
N SER C 503 32.15 -19.63 -21.72
CA SER C 503 32.43 -21.03 -21.47
C SER C 503 31.54 -21.93 -22.31
N GLY C 504 30.41 -21.37 -22.76
CA GLY C 504 29.45 -22.12 -23.54
C GLY C 504 28.55 -22.96 -22.66
N ASN C 505 27.76 -23.82 -23.30
CA ASN C 505 26.71 -24.55 -22.62
C ASN C 505 26.54 -25.96 -23.17
N ASP C 506 25.71 -26.74 -22.49
CA ASP C 506 25.35 -28.06 -22.96
C ASP C 506 24.04 -27.92 -23.73
N LYS C 507 23.87 -26.74 -24.30
CA LYS C 507 22.76 -26.44 -25.19
C LYS C 507 23.29 -25.49 -26.27
N ILE C 508 24.35 -24.76 -25.93
CA ILE C 508 24.95 -23.76 -26.84
C ILE C 508 26.48 -23.77 -26.87
N LYS C 509 27.05 -23.39 -28.02
CA LYS C 509 28.50 -23.31 -28.17
C LYS C 509 29.00 -21.93 -27.78
N PRO C 510 30.15 -21.87 -27.10
CA PRO C 510 30.78 -20.59 -26.73
C PRO C 510 31.05 -19.72 -27.96
N TRP C 511 30.85 -18.41 -27.82
CA TRP C 511 31.05 -17.48 -28.93
C TRP C 511 31.84 -16.24 -28.51
N ILE C 512 32.12 -16.12 -27.21
CA ILE C 512 32.95 -15.03 -26.70
C ILE C 512 34.33 -15.60 -26.43
N LYS C 513 35.35 -14.89 -26.90
CA LYS C 513 36.72 -15.38 -26.81
C LYS C 513 37.32 -14.95 -25.49
N ASP C 514 36.90 -13.81 -24.98
CA ASP C 514 37.46 -13.25 -23.75
C ASP C 514 36.63 -12.06 -23.33
N MET C 515 36.45 -11.93 -22.02
CA MET C 515 35.72 -10.80 -21.45
C MET C 515 36.46 -10.33 -20.20
N GLU C 516 36.30 -9.05 -19.87
CA GLU C 516 36.89 -8.50 -18.66
C GLU C 516 35.99 -7.40 -18.16
N GLU C 517 35.98 -7.20 -16.85
CA GLU C 517 35.17 -6.16 -16.23
C GLU C 517 36.02 -5.05 -15.66
N GLN C 518 35.56 -3.82 -15.82
CA GLN C 518 36.31 -2.67 -15.32
C GLN C 518 35.39 -1.54 -14.89
N HIS C 519 34.20 -1.91 -14.43
CA HIS C 519 33.19 -0.95 -14.03
C HIS C 519 33.77 0.02 -13.00
N ASP C 520 33.47 1.29 -13.19
CA ASP C 520 33.91 2.34 -12.27
C ASP C 520 33.10 3.23 -11.34
N ASP C 521 32.08 3.89 -11.86
CA ASP C 521 31.01 4.45 -11.04
C ASP C 521 30.10 4.39 -12.27
N ASN C 522 30.28 3.33 -13.04
CA ASN C 522 29.71 3.20 -14.38
C ASN C 522 29.99 1.81 -14.92
N ILE C 523 29.37 1.47 -16.04
CA ILE C 523 29.50 0.13 -16.61
C ILE C 523 30.60 0.03 -17.67
N LYS C 524 31.28 -1.11 -17.70
CA LYS C 524 32.43 -1.26 -18.57
C LYS C 524 32.76 -2.73 -18.78
N PHE C 525 32.13 -3.34 -19.78
CA PHE C 525 32.47 -4.70 -20.19
C PHE C 525 33.34 -4.63 -21.43
N ILE C 526 34.53 -5.21 -21.35
CA ILE C 526 35.40 -5.23 -22.52
C ILE C 526 35.44 -6.63 -23.12
N ILE C 527 34.99 -6.74 -24.36
CA ILE C 527 34.73 -8.04 -24.94
C ILE C 527 35.57 -8.29 -26.20
N THR C 528 36.09 -9.51 -26.34
CA THR C 528 36.91 -9.87 -27.48
C THR C 528 36.26 -10.99 -28.27
N LEU C 529 36.35 -10.92 -29.59
CA LEU C 529 35.66 -11.85 -30.46
C LEU C 529 36.60 -12.41 -31.51
N SER C 530 36.44 -13.69 -31.84
CA SER C 530 37.17 -14.24 -32.98
C SER C 530 36.70 -13.48 -34.20
N PRO C 531 37.60 -13.28 -35.16
CA PRO C 531 37.19 -12.60 -36.39
C PRO C 531 35.98 -13.29 -37.00
N GLU C 532 35.90 -14.60 -36.85
CA GLU C 532 34.72 -15.37 -37.27
C GLU C 532 33.46 -14.87 -36.58
N GLU C 533 33.51 -14.80 -35.25
CA GLU C 533 32.34 -14.46 -34.45
C GLU C 533 31.97 -12.98 -34.49
N MET C 534 32.94 -12.14 -34.85
CA MET C 534 32.66 -10.72 -35.09
C MET C 534 31.85 -10.58 -36.36
N ALA C 535 32.13 -11.43 -37.34
CA ALA C 535 31.37 -11.46 -38.57
C ALA C 535 29.93 -11.82 -38.24
N LYS C 536 29.76 -12.93 -37.51
CA LYS C 536 28.44 -13.39 -37.12
C LYS C 536 27.65 -12.30 -36.40
N THR C 537 28.34 -11.55 -35.55
CA THR C 537 27.68 -10.56 -34.70
C THR C 537 27.10 -9.39 -35.48
N ARG C 538 27.79 -8.94 -36.52
CA ARG C 538 27.25 -7.86 -37.35
C ARG C 538 25.96 -8.31 -38.02
N LYS C 539 25.92 -9.58 -38.43
CA LYS C 539 24.76 -10.12 -39.11
C LYS C 539 23.55 -10.16 -38.17
N ILE C 540 23.78 -10.56 -36.92
CA ILE C 540 22.71 -10.63 -35.96
C ILE C 540 22.49 -9.30 -35.26
N GLY C 541 23.44 -8.38 -35.43
CA GLY C 541 23.38 -7.07 -34.80
C GLY C 541 24.12 -7.04 -33.47
N PHE C 542 24.74 -5.90 -33.16
CA PHE C 542 25.54 -5.81 -31.95
C PHE C 542 24.67 -5.60 -30.72
N TYR C 543 23.70 -4.71 -30.84
CA TYR C 543 22.81 -4.41 -29.71
C TYR C 543 21.89 -5.57 -29.43
N GLU C 544 21.40 -6.19 -30.50
CA GLU C 544 20.50 -7.31 -30.41
C GLU C 544 21.20 -8.53 -29.79
N ARG C 545 22.36 -8.87 -30.31
CA ARG C 545 23.08 -10.05 -29.80
C ARG C 545 23.66 -9.83 -28.39
N PHE C 546 23.89 -8.59 -28.01
CA PHE C 546 24.50 -8.34 -26.71
C PHE C 546 23.48 -7.92 -25.66
N LYS C 547 22.20 -8.12 -25.97
CA LYS C 547 21.14 -7.93 -25.01
C LYS C 547 21.04 -6.49 -24.50
N LEU C 548 21.14 -5.53 -25.42
CA LEU C 548 21.15 -4.12 -25.03
C LEU C 548 19.97 -3.34 -25.60
N ILE C 549 18.88 -4.04 -25.94
CA ILE C 549 17.68 -3.36 -26.38
C ILE C 549 16.49 -3.86 -25.59
N SER C 550 15.86 -2.97 -24.83
CA SER C 550 14.62 -3.30 -24.11
C SER C 550 13.50 -2.28 -24.34
N PRO C 551 12.25 -2.77 -24.37
CA PRO C 551 11.10 -1.96 -24.72
C PRO C 551 10.54 -1.24 -23.50
N ILE C 552 9.81 -0.17 -23.74
CA ILE C 552 9.07 0.49 -22.68
C ILE C 552 7.68 0.78 -23.24
N SER C 553 6.66 0.19 -22.62
CA SER C 553 5.29 0.30 -23.11
C SER C 553 4.43 1.14 -22.18
N LEU C 554 3.63 2.05 -22.74
CA LEU C 554 2.73 2.87 -21.96
C LEU C 554 1.29 2.45 -22.25
N MET C 555 1.11 1.17 -22.56
CA MET C 555 -0.21 0.68 -22.87
C MET C 555 -0.96 0.13 -21.65
N ASN C 556 -0.34 0.25 -20.48
CA ASN C 556 -0.99 -0.17 -19.25
C ASN C 556 -0.58 0.78 -18.13
N MET C 557 -0.96 2.04 -18.28
CA MET C 557 -0.71 3.02 -17.24
C MET C 557 -2.04 3.21 -16.48
N VAL C 558 -2.21 2.43 -15.39
CA VAL C 558 -3.42 2.53 -14.57
C VAL C 558 -3.14 3.02 -13.15
N ALA C 559 -4.09 3.75 -12.60
CA ALA C 559 -3.95 4.33 -11.27
C ALA C 559 -5.34 4.67 -10.74
N PHE C 560 -5.46 4.72 -9.42
CA PHE C 560 -6.69 5.18 -8.81
C PHE C 560 -6.80 6.68 -9.05
N ASP C 561 -7.90 7.11 -9.68
CA ASP C 561 -8.09 8.54 -9.92
C ASP C 561 -8.43 9.24 -8.61
N PRO C 562 -8.67 10.56 -8.66
CA PRO C 562 -8.89 11.31 -7.41
C PRO C 562 -10.12 10.85 -6.61
N HIS C 563 -11.12 10.34 -7.31
CA HIS C 563 -12.32 9.84 -6.66
C HIS C 563 -12.15 8.37 -6.25
N GLY C 564 -10.91 7.88 -6.29
CA GLY C 564 -10.60 6.55 -5.82
C GLY C 564 -11.09 5.44 -6.74
N LYS C 565 -11.41 5.81 -7.98
CA LYS C 565 -11.85 4.85 -8.98
C LYS C 565 -10.68 4.50 -9.89
N ILE C 566 -10.38 3.21 -10.04
CA ILE C 566 -9.34 2.75 -10.97
C ILE C 566 -9.59 3.19 -12.42
N LYS C 567 -8.53 3.65 -13.07
CA LYS C 567 -8.64 4.23 -14.41
C LYS C 567 -7.45 3.83 -15.26
N LYS C 568 -7.67 3.57 -16.55
CA LYS C 568 -6.57 3.34 -17.47
C LYS C 568 -6.33 4.62 -18.27
N TYR C 569 -5.17 5.24 -18.05
CA TYR C 569 -4.82 6.47 -18.76
C TYR C 569 -4.15 6.16 -20.11
N ASN C 570 -4.58 6.87 -21.15
CA ASN C 570 -4.21 6.53 -22.51
C ASN C 570 -3.05 7.36 -23.06
N SER C 571 -2.60 8.32 -22.26
CA SER C 571 -1.42 9.09 -22.61
C SER C 571 -0.79 9.61 -21.34
N VAL C 572 0.45 10.08 -21.43
CA VAL C 572 1.15 10.63 -20.29
C VAL C 572 0.51 11.95 -19.84
N ASN C 573 -0.02 12.69 -20.80
CA ASN C 573 -0.56 14.01 -20.54
C ASN C 573 -1.96 13.94 -19.96
N GLU C 574 -2.63 12.82 -20.22
CA GLU C 574 -3.93 12.58 -19.63
C GLU C 574 -3.79 12.46 -18.12
N ILE C 575 -2.66 11.92 -17.68
CA ILE C 575 -2.30 11.88 -16.26
C ILE C 575 -1.91 13.26 -15.75
N LEU C 576 -0.97 13.91 -16.44
CA LEU C 576 -0.48 15.21 -16.03
C LEU C 576 -1.64 16.19 -15.82
N SER C 577 -2.55 16.21 -16.79
CA SER C 577 -3.74 17.06 -16.70
C SER C 577 -4.60 16.79 -15.48
N GLU C 578 -4.98 15.53 -15.27
CA GLU C 578 -5.81 15.21 -14.11
C GLU C 578 -5.16 15.76 -12.86
N PHE C 579 -3.86 15.53 -12.72
CA PHE C 579 -3.11 16.07 -11.60
C PHE C 579 -3.29 17.58 -11.51
N TYR C 580 -2.97 18.26 -12.60
CA TYR C 580 -3.00 19.71 -12.66
C TYR C 580 -4.31 20.31 -12.13
N TYR C 581 -5.45 19.86 -12.64
CA TYR C 581 -6.73 20.44 -12.25
C TYR C 581 -7.10 20.23 -10.78
N VAL C 582 -6.65 19.12 -10.19
CA VAL C 582 -6.83 18.89 -8.76
C VAL C 582 -5.79 19.67 -7.96
N ARG C 583 -4.56 19.70 -8.49
CA ARG C 583 -3.47 20.42 -7.85
C ARG C 583 -3.74 21.93 -7.83
N LEU C 584 -4.49 22.40 -8.82
CA LEU C 584 -4.83 23.82 -8.93
C LEU C 584 -5.94 24.19 -7.97
N GLU C 585 -6.91 23.30 -7.81
CA GLU C 585 -8.02 23.56 -6.90
C GLU C 585 -7.52 23.61 -5.47
N TYR C 586 -6.53 22.80 -5.16
CA TYR C 586 -6.00 22.75 -3.80
C TYR C 586 -5.08 23.91 -3.51
N TYR C 587 -4.64 24.60 -4.54
CA TYR C 587 -3.92 25.82 -4.26
C TYR C 587 -4.89 26.89 -3.74
N GLN C 588 -6.09 26.96 -4.31
CA GLN C 588 -7.12 27.81 -3.75
C GLN C 588 -7.39 27.43 -2.31
N LYS C 589 -7.64 26.14 -2.09
CA LYS C 589 -7.91 25.64 -0.74
C LYS C 589 -6.85 26.08 0.27
N ARG C 590 -5.58 26.02 -0.12
CA ARG C 590 -4.47 26.44 0.75
C ARG C 590 -4.48 27.94 1.01
N LYS C 591 -4.53 28.73 -0.05
CA LYS C 591 -4.64 30.18 0.07
C LYS C 591 -5.74 30.54 1.06
N ASP C 592 -6.89 29.91 0.87
CA ASP C 592 -8.05 30.13 1.73
C ASP C 592 -7.82 29.67 3.15
N HIS C 593 -7.16 28.52 3.32
CA HIS C 593 -6.84 28.04 4.66
C HIS C 593 -5.94 29.04 5.38
N MET C 594 -4.93 29.53 4.67
CA MET C 594 -3.94 30.44 5.27
C MET C 594 -4.51 31.80 5.60
N SER C 595 -5.46 32.27 4.80
CA SER C 595 -6.07 33.57 5.04
C SER C 595 -7.10 33.52 6.17
N GLU C 596 -7.74 32.38 6.36
CA GLU C 596 -8.68 32.24 7.46
C GLU C 596 -7.92 32.35 8.77
N ARG C 597 -6.69 31.87 8.78
CA ARG C 597 -5.87 31.91 9.98
C ARG C 597 -5.36 33.31 10.30
N LEU C 598 -4.87 34.03 9.28
CA LEU C 598 -4.46 35.42 9.43
C LEU C 598 -5.64 36.26 9.91
N GLN C 599 -6.80 35.95 9.34
CA GLN C 599 -8.04 36.62 9.65
C GLN C 599 -8.32 36.47 11.14
N TRP C 600 -8.11 35.27 11.67
CA TRP C 600 -8.32 34.98 13.09
C TRP C 600 -7.32 35.69 13.98
N GLU C 601 -6.16 36.06 13.44
CA GLU C 601 -5.15 36.70 14.25
C GLU C 601 -5.36 38.20 14.32
N VAL C 602 -5.68 38.80 13.18
CA VAL C 602 -6.10 40.19 13.16
C VAL C 602 -7.19 40.31 14.22
N GLU C 603 -8.06 39.33 14.24
CA GLU C 603 -9.16 39.26 15.20
C GLU C 603 -8.64 39.23 16.62
N LYS C 604 -7.76 38.27 16.90
CA LYS C 604 -7.06 38.15 18.18
C LYS C 604 -6.57 39.52 18.62
N TYR C 605 -5.65 40.08 17.83
CA TYR C 605 -5.03 41.38 18.10
C TYR C 605 -6.03 42.48 18.38
N SER C 606 -7.06 42.60 17.54
CA SER C 606 -8.09 43.62 17.70
C SER C 606 -8.65 43.63 19.11
N PHE C 607 -8.88 42.44 19.66
CA PHE C 607 -9.48 42.30 20.97
C PHE C 607 -8.48 42.47 22.11
N GLN C 608 -7.22 42.20 21.86
CA GLN C 608 -6.17 42.53 22.81
C GLN C 608 -6.06 44.05 22.92
N VAL C 609 -6.05 44.72 21.77
CA VAL C 609 -6.03 46.17 21.77
C VAL C 609 -7.22 46.73 22.52
N LYS C 610 -8.43 46.36 22.11
CA LYS C 610 -9.61 46.80 22.83
C LYS C 610 -9.46 46.46 24.31
N PHE C 611 -8.85 45.31 24.58
CA PHE C 611 -8.64 44.85 25.95
C PHE C 611 -7.79 45.84 26.75
N ILE C 612 -6.59 46.10 26.27
CA ILE C 612 -5.71 47.10 26.88
C ILE C 612 -6.44 48.43 26.94
N LYS C 613 -6.90 48.92 25.79
CA LYS C 613 -7.63 50.18 25.73
C LYS C 613 -8.62 50.32 26.88
N MET C 614 -9.44 49.29 27.07
CA MET C 614 -10.45 49.32 28.12
C MET C 614 -9.85 49.59 29.50
N ILE C 615 -8.81 48.82 29.85
CA ILE C 615 -8.12 49.01 31.12
C ILE C 615 -7.45 50.38 31.19
N ILE C 616 -6.72 50.77 30.18
CA ILE C 616 -5.97 52.02 30.14
C ILE C 616 -6.81 53.24 30.51
N GLU C 617 -7.82 53.46 29.74
CA GLU C 617 -8.68 54.59 30.10
C GLU C 617 -9.67 54.17 31.18
N LYS C 618 -9.43 52.99 31.73
CA LYS C 618 -10.20 52.47 32.87
C LYS C 618 -11.71 52.29 32.75
N GLU C 619 -12.11 51.51 31.75
CA GLU C 619 -13.50 51.09 31.60
C GLU C 619 -13.66 49.64 32.04
N LEU C 620 -12.52 49.01 32.31
CA LEU C 620 -12.44 47.62 32.73
C LEU C 620 -11.27 47.44 33.70
N THR C 621 -11.54 46.91 34.88
CA THR C 621 -10.47 46.71 35.86
C THR C 621 -10.19 45.23 36.09
N VAL C 622 -8.96 44.93 36.50
CA VAL C 622 -8.51 43.54 36.63
C VAL C 622 -7.88 43.23 37.99
N THR C 623 -7.04 44.15 38.47
CA THR C 623 -6.34 43.95 39.74
C THR C 623 -7.30 43.64 40.88
N ASN C 624 -7.19 42.42 41.41
CA ASN C 624 -8.02 41.93 42.52
C ASN C 624 -9.44 41.48 42.14
N LYS C 625 -9.61 41.01 40.91
CA LYS C 625 -10.89 40.47 40.50
C LYS C 625 -10.78 38.97 40.25
N PRO C 626 -11.65 38.18 40.93
CA PRO C 626 -11.73 36.71 40.85
C PRO C 626 -11.75 36.15 39.43
N ARG C 627 -11.24 34.93 39.24
CA ARG C 627 -11.25 34.28 37.92
C ARG C 627 -12.61 34.42 37.23
N ASN C 628 -13.66 34.02 37.92
CA ASN C 628 -15.01 34.09 37.38
C ASN C 628 -15.46 35.52 37.08
N ALA C 629 -15.64 36.32 38.13
CA ALA C 629 -16.15 37.68 37.99
C ALA C 629 -15.35 38.54 37.00
N ILE C 630 -14.13 38.12 36.68
CA ILE C 630 -13.33 38.86 35.70
C ILE C 630 -13.55 38.34 34.27
N ILE C 631 -13.56 37.03 34.08
CA ILE C 631 -13.72 36.49 32.74
C ILE C 631 -15.19 36.34 32.34
N GLN C 632 -16.07 36.33 33.34
CA GLN C 632 -17.51 36.35 33.06
C GLN C 632 -17.91 37.78 32.73
N GLU C 633 -17.08 38.73 33.14
CA GLU C 633 -17.29 40.14 32.79
C GLU C 633 -16.74 40.48 31.40
N LEU C 634 -15.80 39.65 30.94
CA LEU C 634 -15.28 39.74 29.57
C LEU C 634 -16.29 39.19 28.57
N GLU C 635 -16.96 38.10 28.96
CA GLU C 635 -18.02 37.52 28.14
C GLU C 635 -19.10 38.56 27.88
N ASN C 636 -19.55 39.22 28.94
CA ASN C 636 -20.49 40.33 28.84
C ASN C 636 -20.10 41.35 27.78
N LEU C 637 -18.86 41.84 27.85
CA LEU C 637 -18.38 42.88 26.95
C LEU C 637 -18.09 42.39 25.54
N GLY C 638 -18.64 41.23 25.19
CA GLY C 638 -18.55 40.73 23.83
C GLY C 638 -17.30 39.92 23.51
N PHE C 639 -16.18 40.24 24.17
CA PHE C 639 -14.90 39.58 23.92
C PHE C 639 -14.95 38.09 23.66
N PRO C 640 -14.40 37.65 22.51
CA PRO C 640 -14.43 36.24 22.14
C PRO C 640 -13.49 35.39 22.98
N ARG C 641 -13.67 34.08 22.94
CA ARG C 641 -12.69 33.18 23.53
C ARG C 641 -11.72 32.77 22.44
N PHE C 642 -10.67 32.04 22.80
CA PHE C 642 -9.69 31.59 21.82
C PHE C 642 -9.10 30.24 22.19
N ASN C 643 -9.12 29.31 21.23
CA ASN C 643 -8.63 27.96 21.49
C ASN C 643 -7.15 27.75 21.18
N LYS C 644 -6.73 26.49 21.18
CA LYS C 644 -5.33 26.16 20.98
C LYS C 644 -4.88 26.48 19.57
N GLU C 645 -5.79 26.35 18.61
CA GLU C 645 -5.45 26.47 17.19
C GLU C 645 -5.74 27.86 16.60
N GLY C 646 -6.07 28.82 17.45
CA GLY C 646 -6.25 30.19 17.01
C GLY C 646 -7.66 30.65 16.69
N LYS C 647 -8.65 29.77 16.76
CA LYS C 647 -10.01 30.11 16.34
C LYS C 647 -10.92 30.66 17.44
N PRO C 648 -11.54 31.81 17.15
CA PRO C 648 -12.46 32.59 17.98
C PRO C 648 -13.79 31.89 18.22
N TYR C 649 -14.47 32.27 19.30
CA TYR C 649 -15.84 31.84 19.58
C TYR C 649 -16.52 32.96 20.39
N TYR C 650 -17.75 33.33 20.05
CA TYR C 650 -18.28 34.61 20.49
C TYR C 650 -19.43 34.66 21.52
N GLY C 651 -20.04 33.53 21.85
CA GLY C 651 -21.15 33.55 22.81
C GLY C 651 -21.05 32.54 23.95
N SER C 652 -22.20 32.35 24.73
CA SER C 652 -22.32 31.17 25.57
C SER C 652 -22.42 29.90 24.73
N LEU C 691 -13.84 23.54 24.21
CA LEU C 691 -13.47 23.01 22.90
C LEU C 691 -13.39 24.35 22.21
N TYR C 692 -13.94 25.33 22.95
CA TYR C 692 -14.28 26.68 22.50
C TYR C 692 -13.13 27.65 22.74
N GLY C 693 -12.25 27.29 23.66
CA GLY C 693 -11.11 28.13 23.96
C GLY C 693 -11.28 29.06 25.15
N THR C 694 -10.16 29.59 25.63
CA THR C 694 -10.14 30.38 26.84
C THR C 694 -9.68 31.81 26.61
N TYR C 695 -9.81 32.63 27.65
CA TYR C 695 -9.39 34.02 27.63
C TYR C 695 -7.94 34.18 28.08
N GLU C 696 -7.16 33.13 27.90
CA GLU C 696 -5.78 33.14 28.35
C GLU C 696 -4.91 34.00 27.44
N TYR C 697 -5.45 34.37 26.28
CA TYR C 697 -4.79 35.31 25.38
C TYR C 697 -4.92 36.73 25.91
N LEU C 698 -5.81 36.90 26.89
CA LEU C 698 -6.02 38.19 27.56
C LEU C 698 -5.61 38.17 29.03
N LEU C 699 -5.77 37.02 29.69
CA LEU C 699 -5.39 36.88 31.08
C LEU C 699 -3.88 36.68 31.22
N GLY C 700 -3.31 35.91 30.30
CA GLY C 700 -1.87 35.67 30.24
C GLY C 700 -1.04 36.94 30.18
N MET C 701 -1.65 38.05 29.76
CA MET C 701 -0.94 39.33 29.73
C MET C 701 -0.75 39.85 31.16
N ARG C 702 0.42 40.42 31.41
CA ARG C 702 0.87 40.76 32.77
C ARG C 702 0.60 42.25 32.97
N ILE C 703 1.26 42.84 33.97
CA ILE C 703 1.17 44.28 34.22
C ILE C 703 2.23 45.17 33.58
N TRP C 704 3.24 44.53 32.99
CA TRP C 704 4.05 45.16 31.96
C TRP C 704 3.12 45.42 30.78
N SER C 705 1.97 44.76 30.82
CA SER C 705 0.98 44.81 29.76
C SER C 705 0.33 46.20 29.56
N LEU C 706 -0.01 46.89 30.64
CA LEU C 706 -0.88 48.06 30.54
C LEU C 706 -0.18 49.37 30.23
N THR C 707 0.64 49.38 29.19
CA THR C 707 1.45 50.55 28.89
C THR C 707 1.18 51.07 27.47
N LYS C 708 1.39 52.37 27.26
CA LYS C 708 1.33 52.93 25.91
C LYS C 708 2.23 52.11 24.99
N GLU C 709 3.37 51.67 25.54
CA GLU C 709 4.39 50.95 24.76
C GLU C 709 3.91 49.59 24.27
N ARG C 710 3.08 48.91 25.05
CA ARG C 710 2.50 47.64 24.63
C ARG C 710 1.38 47.90 23.62
N TYR C 711 0.47 48.78 24.01
CA TYR C 711 -0.63 49.21 23.15
C TYR C 711 -0.16 49.62 21.75
N GLN C 712 0.97 50.31 21.68
CA GLN C 712 1.56 50.63 20.40
C GLN C 712 2.06 49.35 19.75
N LYS C 713 2.91 48.62 20.46
CA LYS C 713 3.49 47.40 19.93
C LYS C 713 2.40 46.49 19.35
N LEU C 714 1.29 46.37 20.06
CA LEU C 714 0.14 45.60 19.57
C LEU C 714 -0.41 46.19 18.28
N LEU C 715 -0.88 47.43 18.33
CA LEU C 715 -1.44 48.09 17.14
C LEU C 715 -0.53 47.87 15.92
N LYS C 716 0.77 47.79 16.17
CA LYS C 716 1.77 47.67 15.11
C LYS C 716 1.73 46.29 14.44
N GLN C 717 1.78 45.27 15.25
CA GLN C 717 1.73 43.91 14.72
C GLN C 717 0.37 43.60 14.11
N LYS C 718 -0.67 44.26 14.59
CA LYS C 718 -2.01 44.08 14.08
C LYS C 718 -2.08 44.60 12.66
N GLN C 719 -1.61 45.83 12.46
CA GLN C 719 -1.65 46.43 11.13
C GLN C 719 -0.62 45.81 10.19
N GLU C 720 0.22 44.93 10.73
CA GLU C 720 1.20 44.21 9.93
C GLU C 720 0.71 42.82 9.60
N LYS C 721 -0.15 42.30 10.46
CA LYS C 721 -0.87 41.06 10.19
C LYS C 721 -2.04 41.39 9.27
N GLU C 722 -2.30 42.69 9.12
CA GLU C 722 -3.27 43.17 8.15
C GLU C 722 -2.64 43.28 6.76
N THR C 723 -1.51 43.98 6.66
CA THR C 723 -0.75 44.06 5.40
C THR C 723 -0.38 42.66 4.91
N GLU C 724 0.03 41.81 5.84
CA GLU C 724 0.38 40.42 5.55
C GLU C 724 -0.75 39.69 4.83
N LEU C 725 -1.97 39.89 5.34
CA LEU C 725 -3.18 39.32 4.78
C LEU C 725 -3.50 39.90 3.40
N GLU C 726 -3.32 41.22 3.26
CA GLU C 726 -3.56 41.90 2.00
C GLU C 726 -2.67 41.37 0.88
N ASN C 727 -1.40 41.16 1.18
CA ASN C 727 -0.49 40.59 0.20
C ASN C 727 -0.93 39.20 -0.23
N LEU C 728 -1.19 38.34 0.75
CA LEU C 728 -1.57 36.96 0.47
C LEU C 728 -2.77 36.88 -0.45
N LEU C 729 -3.77 37.71 -0.19
CA LEU C 729 -5.01 37.72 -0.96
C LEU C 729 -4.82 38.18 -2.40
N LYS C 730 -3.71 38.87 -2.65
CA LYS C 730 -3.38 39.28 -4.01
C LYS C 730 -2.91 38.11 -4.89
N LEU C 731 -2.06 37.26 -4.33
CA LEU C 731 -1.53 36.09 -5.01
C LEU C 731 -2.64 35.14 -5.42
N SER C 732 -2.67 34.77 -6.71
CA SER C 732 -3.63 33.78 -7.19
C SER C 732 -3.10 32.38 -6.91
N ALA C 733 -3.85 31.37 -7.33
CA ALA C 733 -3.45 29.97 -7.08
C ALA C 733 -2.24 29.61 -7.92
N LYS C 734 -2.25 30.03 -9.17
CA LYS C 734 -1.10 29.83 -10.05
C LYS C 734 0.12 30.58 -9.51
N ASP C 735 -0.11 31.74 -8.90
CA ASP C 735 0.96 32.56 -8.33
C ASP C 735 1.67 31.85 -7.18
N ILE C 736 0.89 31.24 -6.32
CA ILE C 736 1.43 30.52 -5.18
C ILE C 736 2.10 29.26 -5.67
N TRP C 737 1.41 28.53 -6.54
CA TRP C 737 1.93 27.28 -7.09
C TRP C 737 3.30 27.51 -7.67
N ASN C 738 3.41 28.63 -8.37
CA ASN C 738 4.62 29.00 -9.09
C ASN C 738 5.76 29.29 -8.13
N THR C 739 5.44 29.92 -7.01
CA THR C 739 6.42 30.23 -5.99
C THR C 739 7.02 28.94 -5.46
N ASP C 740 6.18 27.90 -5.34
CA ASP C 740 6.63 26.60 -4.89
C ASP C 740 7.48 25.90 -5.95
N LEU C 741 7.04 25.97 -7.21
CA LEU C 741 7.78 25.42 -8.33
C LEU C 741 9.19 26.01 -8.44
N LYS C 742 9.30 27.30 -8.22
CA LYS C 742 10.58 27.99 -8.27
C LYS C 742 11.52 27.52 -7.18
N ALA C 743 11.02 27.49 -5.95
CA ALA C 743 11.82 27.03 -4.82
C ALA C 743 12.22 25.58 -5.00
N PHE C 744 11.34 24.81 -5.66
CA PHE C 744 11.63 23.42 -5.99
C PHE C 744 12.75 23.36 -7.00
N GLU C 745 12.66 24.19 -8.03
CA GLU C 745 13.63 24.21 -9.11
C GLU C 745 15.04 24.39 -8.56
N VAL C 746 15.19 25.34 -7.65
CA VAL C 746 16.44 25.51 -6.96
C VAL C 746 16.82 24.23 -6.21
N GLY C 747 15.96 23.81 -5.28
CA GLY C 747 16.18 22.57 -4.54
C GLY C 747 16.54 21.33 -5.36
N TYR C 748 15.96 21.22 -6.55
CA TYR C 748 16.21 20.07 -7.42
C TYR C 748 17.60 20.11 -8.03
N GLN C 749 18.16 21.31 -8.15
CA GLN C 749 19.53 21.45 -8.64
C GLN C 749 20.54 21.00 -7.60
N GLU C 750 20.27 21.34 -6.35
CA GLU C 750 21.10 20.90 -5.24
C GLU C 750 20.95 19.39 -5.04
N PHE C 751 19.72 18.90 -5.21
CA PHE C 751 19.49 17.47 -5.16
C PHE C 751 20.40 16.79 -6.17
N LEU C 752 20.35 17.25 -7.41
CA LEU C 752 21.20 16.69 -8.46
C LEU C 752 22.70 16.71 -8.13
N GLN C 753 23.17 17.82 -7.59
CA GLN C 753 24.60 17.98 -7.30
C GLN C 753 25.08 17.07 -6.19
N ARG C 754 24.17 16.69 -5.30
CA ARG C 754 24.54 15.77 -4.25
C ARG C 754 24.53 14.34 -4.79
N ASP C 755 23.55 14.07 -5.67
CA ASP C 755 23.45 12.76 -6.32
C ASP C 755 24.70 12.43 -7.09
N ALA C 756 25.14 13.39 -7.91
CA ALA C 756 26.36 13.21 -8.70
C ALA C 756 27.59 13.08 -7.80
N GLU C 757 27.66 13.88 -6.75
CA GLU C 757 28.78 13.85 -5.83
C GLU C 757 28.83 12.56 -5.01
N ALA C 758 27.73 11.82 -4.99
CA ALA C 758 27.68 10.49 -4.38
C ALA C 758 27.59 9.58 -5.61
N ARG C 759 28.75 9.12 -6.08
CA ARG C 759 28.89 8.51 -7.40
C ARG C 759 28.35 9.39 -8.54
#